data_1GHG
# 
_entry.id   1GHG 
# 
_audit_conform.dict_name       mmcif_pdbx.dic 
_audit_conform.dict_version    5.383 
_audit_conform.dict_location   http://mmcif.pdb.org/dictionaries/ascii/mmcif_pdbx.dic 
# 
loop_
_database_2.database_id 
_database_2.database_code 
_database_2.pdbx_database_accession 
_database_2.pdbx_DOI 
PDB   1GHG         pdb_00001ghg 10.2210/pdb1ghg/pdb 
RCSB  RCSB001516   ?            ?                   
WWPDB D_1000001516 ?            ?                   
# 
loop_
_pdbx_audit_revision_history.ordinal 
_pdbx_audit_revision_history.data_content_type 
_pdbx_audit_revision_history.major_revision 
_pdbx_audit_revision_history.minor_revision 
_pdbx_audit_revision_history.revision_date 
1 'Structure model' 1 0 2001-02-12 
2 'Structure model' 1 1 2011-06-14 
3 'Structure model' 1 2 2011-07-13 
4 'Structure model' 1 3 2011-07-27 
5 'Structure model' 1 4 2012-12-12 
6 'Structure model' 1 5 2017-10-04 
7 'Structure model' 2 0 2023-12-27 
# 
_pdbx_audit_revision_details.ordinal             1 
_pdbx_audit_revision_details.revision_ordinal    1 
_pdbx_audit_revision_details.data_content_type   'Structure model' 
_pdbx_audit_revision_details.provider            repository 
_pdbx_audit_revision_details.type                'Initial release' 
_pdbx_audit_revision_details.description         ? 
_pdbx_audit_revision_details.details             ? 
# 
loop_
_pdbx_audit_revision_group.ordinal 
_pdbx_audit_revision_group.revision_ordinal 
_pdbx_audit_revision_group.data_content_type 
_pdbx_audit_revision_group.group 
1  2 'Structure model' 'Version format compliance' 
2  3 'Structure model' 'Version format compliance' 
3  4 'Structure model' 'Atomic model'              
4  4 'Structure model' 'Database references'       
5  4 'Structure model' 'Derived calculations'      
6  4 'Structure model' 'Non-polymer description'   
7  4 'Structure model' 'Structure summary'         
8  5 'Structure model' Other                       
9  6 'Structure model' 'Refinement description'    
10 7 'Structure model' 'Data collection'           
11 7 'Structure model' 'Database references'       
12 7 'Structure model' 'Derived calculations'      
13 7 'Structure model' 'Polymer sequence'          
# 
loop_
_pdbx_audit_revision_category.ordinal 
_pdbx_audit_revision_category.revision_ordinal 
_pdbx_audit_revision_category.data_content_type 
_pdbx_audit_revision_category.category 
1 6 'Structure model' software       
2 7 'Structure model' chem_comp_atom 
3 7 'Structure model' chem_comp_bond 
4 7 'Structure model' database_2     
5 7 'Structure model' entity_poly    
6 7 'Structure model' struct_conn    
7 7 'Structure model' struct_site    
# 
loop_
_pdbx_audit_revision_item.ordinal 
_pdbx_audit_revision_item.revision_ordinal 
_pdbx_audit_revision_item.data_content_type 
_pdbx_audit_revision_item.item 
1  7 'Structure model' '_database_2.pdbx_DOI'                      
2  7 'Structure model' '_database_2.pdbx_database_accession'       
3  7 'Structure model' '_entity_poly.pdbx_seq_one_letter_code_can' 
4  7 'Structure model' '_struct_conn.pdbx_dist_value'              
5  7 'Structure model' '_struct_conn.pdbx_leaving_atom_flag'       
6  7 'Structure model' '_struct_conn.ptnr1_label_atom_id'          
7  7 'Structure model' '_struct_conn.ptnr2_auth_comp_id'           
8  7 'Structure model' '_struct_conn.ptnr2_auth_seq_id'            
9  7 'Structure model' '_struct_conn.ptnr2_label_atom_id'          
10 7 'Structure model' '_struct_conn.ptnr2_label_comp_id'          
11 7 'Structure model' '_struct_conn.ptnr2_label_seq_id'           
12 7 'Structure model' '_struct_site.pdbx_auth_asym_id'            
13 7 'Structure model' '_struct_site.pdbx_auth_comp_id'            
14 7 'Structure model' '_struct_site.pdbx_auth_seq_id'             
# 
_pdbx_database_status.entry_id                        1GHG 
_pdbx_database_status.status_code                     REL 
_pdbx_database_status.deposit_site                    RCSB 
_pdbx_database_status.process_site                    RCSB 
_pdbx_database_status.recvd_initial_deposition_date   2000-12-13 
_pdbx_database_status.status_code_sf                  ? 
_pdbx_database_status.status_code_mr                  ? 
_pdbx_database_status.SG_entry                        ? 
_pdbx_database_status.pdb_format_compatible           Y 
_pdbx_database_status.status_code_cs                  ? 
_pdbx_database_status.methods_development_category    ? 
_pdbx_database_status.status_code_nmr_data            ? 
# 
loop_
_pdbx_database_related.db_name 
_pdbx_database_related.db_id 
_pdbx_database_related.content_type 
_pdbx_database_related.details 
PDB 1AA5 unspecified 'CRYSTAL STRUCTURE OF VANCOMYCIN'                                                                            
PDB 1C0Q unspecified 'CRYSTAL STRUCTURE OF VANCOMYCIN COMPLEXED WITH 2-ACETOXY-D-PROPANOIC ACID'                                  
PDB 1C0R unspecified 'CRYSTAL STRUCTURE OF VANCOMYCIN WITH D-LACTIC ACID'                                                         
PDB 1FVM unspecified 'CRYSTAL STRUCTURE OF VANCOMYCIN COMPLEXED WITH DI-ACETYL-LYS-D-ALA-D-ALA'                                   
PDB 1GAC unspecified 'SOLUTION STRUCTURE OF A82846B COMPLEXED WITH ITS CELL WALL PENTAPEPTIDE FRAGMENT'                           
PDB 1PN3 unspecified 'CRYSTAL STRUCTURE OF TDP-EPI-VANCOSAMINYLTRANSFERASE GTFA COMPLEXD WITH TDP AND DESVANCOSAMINYL VANCOMYCIN' 
PDB 1PNV unspecified 'CRYSTAL STRUCTURE OF TDP-EPI-VANCOSAMINYLTRANSFERASE GTFA COMPLEXED WITH TDP AND VANCOMYCIN'                
PDB 1QD8 unspecified 'CRYSTAL STRUCTURE OF VANCOMYCIN COMPLEXED WITH N-ACETYL GLYCIN'                                             
PDB 1RRV unspecified 'CRYSTAL STRUCTURE OF TDP-VANCOSAMINYLTRANSFERASE GTFD COMPLEXED WITH TDP AND DESVANCOSAMINYL VANCOMYCIN.'   
PDB 1SHO unspecified 'CRYSTAL STRUCTURE OF VANCOMYCIN'                                                                            
# 
loop_
_audit_author.name 
_audit_author.pdbx_ordinal 
'Kaplan, J.'    1 
'Korty, B.D.'   2 
'Axelsen, P.H.' 3 
'Loll, P.J.'    4 
# 
_citation.id                        primary 
_citation.title                     'The Role of Sugar Residues in Molecular Recognition by Vancomycin' 
_citation.journal_abbrev            J.Med.Chem. 
_citation.journal_volume            44 
_citation.page_first                1837 
_citation.page_last                 ? 
_citation.year                      2001 
_citation.journal_id_ASTM           JMCMAR 
_citation.country                   US 
_citation.journal_id_ISSN           0022-2623 
_citation.journal_id_CSD            0151 
_citation.book_publisher            ? 
_citation.pdbx_database_id_PubMed   11356118 
_citation.pdbx_database_id_DOI      10.1021/JM0005306 
# 
loop_
_citation_author.citation_id 
_citation_author.name 
_citation_author.ordinal 
_citation_author.identifier_ORCID 
primary 'Kaplan, J.'    1 ? 
primary 'Korty, B.D.'   2 ? 
primary 'Axelsen, P.H.' 3 ? 
primary 'Loll, P.J.'    4 ? 
# 
loop_
_entity.id 
_entity.type 
_entity.src_method 
_entity.pdbx_description 
_entity.formula_weight 
_entity.pdbx_number_of_molecules 
_entity.pdbx_ec 
_entity.pdbx_mutation 
_entity.pdbx_fragment 
_entity.details 
1 polymer     syn 'VANCOMYCIN AGLYCON' 1149.977 4  ? ? ? ? 
2 non-polymer syn 'ACETIC ACID'        60.052   4  ? ? ? ? 
3 non-polymer syn 'DIMETHYL SULFOXIDE' 78.133   2  ? ? ? ? 
4 water       nat water                18.015   67 ? ? ? ? 
# 
_entity_poly.entity_id                      1 
_entity_poly.type                           'polypeptide(L)' 
_entity_poly.nstd_linkage                   no 
_entity_poly.nstd_monomer                   yes 
_entity_poly.pdbx_seq_one_letter_code       '(MLU)(OMZ)N(GHP)(GHP)(OMY)(3FG)' 
_entity_poly.pdbx_seq_one_letter_code_can   XXNGGYX 
_entity_poly.pdbx_strand_id                 A,B,C,D 
_entity_poly.pdbx_target_identifier         ? 
# 
loop_
_pdbx_entity_nonpoly.entity_id 
_pdbx_entity_nonpoly.name 
_pdbx_entity_nonpoly.comp_id 
2 'ACETIC ACID'        ACY 
3 'DIMETHYL SULFOXIDE' DMS 
4 water                HOH 
# 
loop_
_entity_poly_seq.entity_id 
_entity_poly_seq.num 
_entity_poly_seq.mon_id 
_entity_poly_seq.hetero 
1 1 MLU n 
1 2 OMZ n 
1 3 ASN n 
1 4 GHP n 
1 5 GHP n 
1 6 OMY n 
1 7 3FG n 
# 
_pdbx_entity_src_syn.entity_id              1 
_pdbx_entity_src_syn.pdbx_src_id            1 
_pdbx_entity_src_syn.pdbx_alt_source_flag   sample 
_pdbx_entity_src_syn.pdbx_beg_seq_num       ? 
_pdbx_entity_src_syn.pdbx_end_seq_num       ? 
_pdbx_entity_src_syn.organism_scientific    'AMYCOLATOPSIS ORIENTALIS' 
_pdbx_entity_src_syn.organism_common_name   ? 
_pdbx_entity_src_syn.ncbi_taxonomy_id       31958 
_pdbx_entity_src_syn.details                ? 
# 
loop_
_chem_comp.id 
_chem_comp.type 
_chem_comp.mon_nstd_flag 
_chem_comp.name 
_chem_comp.pdbx_synonyms 
_chem_comp.formula 
_chem_comp.formula_weight 
3FG 'L-peptide linking' . '(2S)-amino(3,5-dihydroxyphenyl)ethanoic acid' ? 'C8 H9 N O4'     183.161 
ACY non-polymer         . 'ACETIC ACID'                                  ? 'C2 H4 O2'       60.052  
ASN 'L-peptide linking' y ASPARAGINE                                     ? 'C4 H8 N2 O3'    132.118 
DMS non-polymer         . 'DIMETHYL SULFOXIDE'                           ? 'C2 H6 O S'      78.133  
GHP 'D-peptide linking' . '(2R)-amino(4-hydroxyphenyl)ethanoic acid'     ? 'C8 H9 N O3'     167.162 
HOH non-polymer         . WATER                                          ? 'H2 O'           18.015  
MLU 'D-peptide linking' . N-methyl-D-leucine                             ? 'C7 H15 N O2'    145.199 
OMY 'L-peptide linking' n '(betaR)-3-chloro-beta-hydroxy-L-tyrosine'     ? 'C9 H10 Cl N O4' 231.633 
OMZ 'D-peptide linking' . '(betaR)-3-CHLORO-BETA-HYDROXY-D-TYROSINE'     ? 'C9 H10 Cl N O4' 231.633 
# 
loop_
_pdbx_poly_seq_scheme.asym_id 
_pdbx_poly_seq_scheme.entity_id 
_pdbx_poly_seq_scheme.seq_id 
_pdbx_poly_seq_scheme.mon_id 
_pdbx_poly_seq_scheme.ndb_seq_num 
_pdbx_poly_seq_scheme.pdb_seq_num 
_pdbx_poly_seq_scheme.auth_seq_num 
_pdbx_poly_seq_scheme.pdb_mon_id 
_pdbx_poly_seq_scheme.auth_mon_id 
_pdbx_poly_seq_scheme.pdb_strand_id 
_pdbx_poly_seq_scheme.pdb_ins_code 
_pdbx_poly_seq_scheme.hetero 
A 1 1 MLU 1 1 1 MLU MLU A . n 
A 1 2 OMZ 2 2 2 OMZ OMZ A . n 
A 1 3 ASN 3 3 3 ASN ASN A . n 
A 1 4 GHP 4 4 4 GHP GHP A . n 
A 1 5 GHP 5 5 5 GHP GHP A . n 
A 1 6 OMY 6 6 6 OMY OMY A . n 
A 1 7 3FG 7 7 7 3FG 3FG A . n 
B 1 1 MLU 1 1 1 MLU MLU B . n 
B 1 2 OMZ 2 2 2 OMZ OMZ B . n 
B 1 3 ASN 3 3 3 ASN ASN B . n 
B 1 4 GHP 4 4 4 GHP GHP B . n 
B 1 5 GHP 5 5 5 GHP GHP B . n 
B 1 6 OMY 6 6 6 OMY OMY B . n 
B 1 7 3FG 7 7 7 3FG 3FG B . n 
C 1 1 MLU 1 1 1 MLU MLU C . n 
C 1 2 OMZ 2 2 2 OMZ OMZ C . n 
C 1 3 ASN 3 3 3 ASN ASN C . n 
C 1 4 GHP 4 4 4 GHP GHP C . n 
C 1 5 GHP 5 5 5 GHP GHP C . n 
C 1 6 OMY 6 6 6 OMY OMY C . n 
C 1 7 3FG 7 7 7 3FG 3FG C . n 
D 1 1 MLU 1 1 1 MLU MLU D . n 
D 1 2 OMZ 2 2 2 OMZ OMZ D . n 
D 1 3 ASN 3 3 3 ASN ASN D . n 
D 1 4 GHP 4 4 4 GHP GHP D . n 
D 1 5 GHP 5 5 5 GHP GHP D . n 
D 1 6 OMY 6 6 6 OMY OMY D . n 
D 1 7 3FG 7 7 7 3FG 3FG D . n 
# 
loop_
_pdbx_nonpoly_scheme.asym_id 
_pdbx_nonpoly_scheme.entity_id 
_pdbx_nonpoly_scheme.mon_id 
_pdbx_nonpoly_scheme.ndb_seq_num 
_pdbx_nonpoly_scheme.pdb_seq_num 
_pdbx_nonpoly_scheme.auth_seq_num 
_pdbx_nonpoly_scheme.pdb_mon_id 
_pdbx_nonpoly_scheme.auth_mon_id 
_pdbx_nonpoly_scheme.pdb_strand_id 
_pdbx_nonpoly_scheme.pdb_ins_code 
E 2 ACY 1  11   11   ACY ACY A . 
F 2 ACY 1  11   11   ACY ACY B . 
G 2 ACY 1  11   11   ACY ACY C . 
H 3 DMS 1  12   12   DMS DMS C . 
I 2 ACY 1  11   11   ACY ACY D . 
J 3 DMS 1  12   12   DMS DMS D . 
K 4 HOH 1  2001 2001 HOH HOH A . 
K 4 HOH 2  2002 2002 HOH HOH A . 
K 4 HOH 3  2003 2003 HOH HOH A . 
K 4 HOH 4  2004 2004 HOH HOH A . 
K 4 HOH 5  2005 2005 HOH HOH A . 
K 4 HOH 6  2006 2006 HOH HOH A . 
K 4 HOH 7  2007 2007 HOH HOH A . 
K 4 HOH 8  2008 2008 HOH HOH A . 
K 4 HOH 9  2009 2009 HOH HOH A . 
K 4 HOH 10 2010 2010 HOH HOH A . 
K 4 HOH 11 2011 2011 HOH HOH A . 
K 4 HOH 12 2012 2012 HOH HOH A . 
K 4 HOH 13 2013 2013 HOH HOH A . 
K 4 HOH 14 2014 2014 HOH HOH A . 
K 4 HOH 15 2015 2015 HOH HOH A . 
K 4 HOH 16 2016 2016 HOH HOH A . 
K 4 HOH 17 2017 2017 HOH HOH A . 
K 4 HOH 18 2018 2018 HOH HOH A . 
L 4 HOH 1  2001 2001 HOH HOH B . 
L 4 HOH 2  2002 2002 HOH HOH B . 
L 4 HOH 3  2003 2003 HOH HOH B . 
L 4 HOH 4  2004 2004 HOH HOH B . 
L 4 HOH 5  2005 2005 HOH HOH B . 
L 4 HOH 6  2006 2006 HOH HOH B . 
L 4 HOH 7  2007 2007 HOH HOH B . 
L 4 HOH 8  2008 2008 HOH HOH B . 
L 4 HOH 9  2009 2009 HOH HOH B . 
L 4 HOH 10 2010 2010 HOH HOH B . 
L 4 HOH 11 2011 2011 HOH HOH B . 
L 4 HOH 12 2012 2012 HOH HOH B . 
L 4 HOH 13 2013 2013 HOH HOH B . 
L 4 HOH 14 2014 2014 HOH HOH B . 
L 4 HOH 15 2015 2015 HOH HOH B . 
M 4 HOH 1  2001 2001 HOH HOH C . 
M 4 HOH 2  2002 2002 HOH HOH C . 
M 4 HOH 3  2003 2003 HOH HOH C . 
M 4 HOH 4  2004 2004 HOH HOH C . 
M 4 HOH 5  2005 2005 HOH HOH C . 
M 4 HOH 6  2006 2006 HOH HOH C . 
M 4 HOH 7  2007 2007 HOH HOH C . 
M 4 HOH 8  2008 2008 HOH HOH C . 
M 4 HOH 9  2009 2009 HOH HOH C . 
M 4 HOH 10 2010 2010 HOH HOH C . 
M 4 HOH 11 2011 2011 HOH HOH C . 
M 4 HOH 12 2012 2012 HOH HOH C . 
M 4 HOH 13 2013 2013 HOH HOH C . 
M 4 HOH 14 2014 2014 HOH HOH C . 
M 4 HOH 15 2015 2015 HOH HOH C . 
M 4 HOH 16 2016 2016 HOH HOH C . 
M 4 HOH 17 2017 2017 HOH HOH C . 
M 4 HOH 18 2018 2018 HOH HOH C . 
M 4 HOH 19 2019 2019 HOH HOH C . 
N 4 HOH 1  2001 2001 HOH HOH D . 
N 4 HOH 2  2002 2002 HOH HOH D . 
N 4 HOH 3  2003 2003 HOH HOH D . 
N 4 HOH 4  2004 2004 HOH HOH D . 
N 4 HOH 5  2005 2005 HOH HOH D . 
N 4 HOH 6  2006 2006 HOH HOH D . 
N 4 HOH 7  2007 2007 HOH HOH D . 
N 4 HOH 8  2008 2008 HOH HOH D . 
N 4 HOH 9  2009 2009 HOH HOH D . 
N 4 HOH 10 2010 2010 HOH HOH D . 
N 4 HOH 11 2011 2011 HOH HOH D . 
N 4 HOH 12 2012 2012 HOH HOH D . 
N 4 HOH 13 2013 2013 HOH HOH D . 
N 4 HOH 14 2014 2014 HOH HOH D . 
N 4 HOH 15 2015 2015 HOH HOH D . 
# 
loop_
_software.name 
_software.classification 
_software.version 
_software.citation_id 
_software.pdbx_ordinal 
SnB       phasing          . ? 1 
SHELXL    refinement       . ? 2 
DENZO     'data reduction' . ? 3 
SCALEPACK 'data scaling'   . ? 4 
# 
_cell.entry_id           1GHG 
_cell.length_a           29.480 
_cell.length_b           29.480 
_cell.length_c           74.270 
_cell.angle_alpha        90.00 
_cell.angle_beta         90.00 
_cell.angle_gamma        90.00 
_cell.Z_PDB              32 
_cell.pdbx_unique_axis   ? 
# 
_symmetry.entry_id                         1GHG 
_symmetry.space_group_name_H-M             'P 41 21 2' 
_symmetry.pdbx_full_space_group_name_H-M   ? 
_symmetry.cell_setting                     ? 
_symmetry.Int_Tables_number                92 
# 
_exptl.entry_id          1GHG 
_exptl.method            'X-RAY DIFFRACTION' 
_exptl.crystals_number   1 
# 
_exptl_crystal.id                    1 
_exptl_crystal.density_meas          ? 
_exptl_crystal.density_Matthews      1.75 
_exptl_crystal.density_percent_sol   29.87 
_exptl_crystal.description           ? 
# 
_exptl_crystal_grow.crystal_id      1 
_exptl_crystal_grow.method          ? 
_exptl_crystal_grow.temp            ? 
_exptl_crystal_grow.temp_details    ? 
_exptl_crystal_grow.pH              6.9 
_exptl_crystal_grow.pdbx_pH_range   ? 
_exptl_crystal_grow.pdbx_details    
'100 MM SODIUM CACODYLATE, 1.6 M SODIUM ACETATE, PH 6.9, VAPOR DIFFUSION/HANGING DROP, TEMPERATURE 277K' 
# 
_diffrn.id                     1 
_diffrn.ambient_temp           100 
_diffrn.ambient_temp_details   ? 
_diffrn.crystal_id             1 
# 
_diffrn_detector.diffrn_id              1 
_diffrn_detector.detector               CCD 
_diffrn_detector.type                   'ADSC QUANTUM 4' 
_diffrn_detector.pdbx_collection_date   1998-02-18 
_diffrn_detector.details                ? 
# 
_diffrn_radiation.diffrn_id                        1 
_diffrn_radiation.wavelength_id                    1 
_diffrn_radiation.pdbx_monochromatic_or_laue_m_l   M 
_diffrn_radiation.monochromator                    ? 
_diffrn_radiation.pdbx_diffrn_protocol             'SINGLE WAVELENGTH' 
_diffrn_radiation.pdbx_scattering_type             x-ray 
# 
_diffrn_radiation_wavelength.id           1 
_diffrn_radiation_wavelength.wavelength   0.978 
_diffrn_radiation_wavelength.wt           1.0 
# 
_diffrn_source.diffrn_id                   1 
_diffrn_source.source                      SYNCHROTRON 
_diffrn_source.type                        'NSLS BEAMLINE X12B' 
_diffrn_source.pdbx_synchrotron_site       NSLS 
_diffrn_source.pdbx_synchrotron_beamline   X12B 
_diffrn_source.pdbx_wavelength             0.978 
_diffrn_source.pdbx_wavelength_list        ? 
# 
_reflns.pdbx_diffrn_id               1 
_reflns.pdbx_ordinal                 1 
_reflns.entry_id                     1GHG 
_reflns.observed_criterion_sigma_I   2.000 
_reflns.observed_criterion_sigma_F   ? 
_reflns.d_resolution_low             8.000 
_reflns.d_resolution_high            0.980 
_reflns.number_obs                   16377 
_reflns.number_all                   ? 
_reflns.percent_possible_obs         87.2 
_reflns.pdbx_Rmerge_I_obs            0.05200 
_reflns.pdbx_Rsym_value              ? 
_reflns.pdbx_netI_over_sigmaI        29.8000 
_reflns.B_iso_Wilson_estimate        ? 
_reflns.pdbx_redundancy              8.400 
# 
_reflns_shell.pdbx_diffrn_id         1 
_reflns_shell.pdbx_ordinal           1 
_reflns_shell.d_res_high             0.98 
_reflns_shell.d_res_low              1.08 
_reflns_shell.percent_possible_all   66.7 
_reflns_shell.Rmerge_I_obs           0.23800 
_reflns_shell.pdbx_Rsym_value        ? 
_reflns_shell.meanI_over_sigI_obs    ? 
_reflns_shell.pdbx_redundancy        5.80 
# 
_refine.pdbx_refine_id                           'X-RAY DIFFRACTION' 
_refine.entry_id                                 1GHG 
_refine.pdbx_diffrn_id                           1 
_refine.pdbx_TLS_residual_ADP_flag               ? 
_refine.ls_number_reflns_obs                     ? 
_refine.ls_number_reflns_all                     17071 
_refine.pdbx_ls_sigma_I                          ? 
_refine.pdbx_ls_sigma_F                          4.000 
_refine.pdbx_data_cutoff_high_absF               ? 
_refine.pdbx_data_cutoff_low_absF                ? 
_refine.pdbx_data_cutoff_high_rms_absF           ? 
_refine.ls_d_res_low                             8.00 
_refine.ls_d_res_high                            0.98 
_refine.ls_percent_reflns_obs                    90.9 
_refine.ls_R_factor_obs                          0.150 
_refine.ls_R_factor_all                          0.150 
_refine.ls_R_factor_R_work                       ? 
_refine.ls_R_factor_R_free                       0.150 
_refine.ls_R_factor_R_free_error                 ? 
_refine.ls_R_factor_R_free_error_details         ? 
_refine.ls_percent_reflns_R_free                 8.300 
_refine.ls_number_reflns_R_free                  1422 
_refine.ls_number_parameters                     ? 
_refine.ls_number_restraints                     ? 
_refine.occupancy_min                            ? 
_refine.occupancy_max                            ? 
_refine.correlation_coeff_Fo_to_Fc               ? 
_refine.correlation_coeff_Fo_to_Fc_free          ? 
_refine.B_iso_mean                               ? 
_refine.aniso_B[1][1]                            ? 
_refine.aniso_B[2][2]                            ? 
_refine.aniso_B[3][3]                            ? 
_refine.aniso_B[1][2]                            ? 
_refine.aniso_B[1][3]                            ? 
_refine.aniso_B[2][3]                            ? 
_refine.solvent_model_details                    ? 
_refine.solvent_model_param_ksol                 ? 
_refine.solvent_model_param_bsol                 ? 
_refine.pdbx_solvent_vdw_probe_radii             ? 
_refine.pdbx_solvent_ion_probe_radii             ? 
_refine.pdbx_solvent_shrinkage_radii             ? 
_refine.pdbx_ls_cross_valid_method               ? 
_refine.details                                  'CONJUGATE GRADIENT FOR MOST OF REFINEMENT, FOLLOWED BY BLOCKED LEAST SQUARES' 
_refine.pdbx_starting_model                      ? 
_refine.pdbx_method_to_determine_struct          ? 
_refine.pdbx_isotropic_thermal_model             ? 
_refine.pdbx_stereochemistry_target_values       
;THE FOUR COPIES OF THE MOLECULE IN THE ASYMMETRIC UNIT WERE RESTRAINED TO HAVE SIMLAR 1,2- AND 1,3-DISTANCES. SP2 CENTERS AND RINGS WERE RESTRAINED TO PLANARITY.
;
_refine.pdbx_stereochem_target_val_spec_case     ? 
_refine.pdbx_R_Free_selection_details            ? 
_refine.pdbx_overall_ESU_R                       ? 
_refine.pdbx_overall_ESU_R_Free                  ? 
_refine.overall_SU_ML                            ? 
_refine.pdbx_overall_phase_error                 ? 
_refine.overall_SU_B                             ? 
_refine.overall_SU_R_Cruickshank_DPI             ? 
_refine.pdbx_overall_SU_R_free_Cruickshank_DPI   ? 
_refine.pdbx_overall_SU_R_Blow_DPI               ? 
_refine.pdbx_overall_SU_R_free_Blow_DPI          ? 
# 
_refine_hist.pdbx_refine_id                   'X-RAY DIFFRACTION' 
_refine_hist.cycle_id                         LAST 
_refine_hist.pdbx_number_atoms_protein        320 
_refine_hist.pdbx_number_atoms_nucleic_acid   0 
_refine_hist.pdbx_number_atoms_ligand         24 
_refine_hist.number_atoms_solvent             67 
_refine_hist.number_atoms_total               411 
_refine_hist.d_res_high                       0.98 
_refine_hist.d_res_low                        8.00 
# 
_pdbx_refine.pdbx_refine_id                              'X-RAY DIFFRACTION' 
_pdbx_refine.entry_id                                    1GHG 
_pdbx_refine.R_factor_all_no_cutoff                      0.150 
_pdbx_refine.R_factor_obs_no_cutoff                      0.150 
_pdbx_refine.free_R_factor_no_cutoff                     0.150 
_pdbx_refine.free_R_error_no_cutoff                      ? 
_pdbx_refine.free_R_val_test_set_size_perc_no_cutoff     8.300 
_pdbx_refine.free_R_val_test_set_ct_no_cutoff            1422 
_pdbx_refine.R_factor_all_4sig_cutoff                    0.142 
_pdbx_refine.R_factor_obs_4sig_cutoff                    0.142 
_pdbx_refine.free_R_factor_4sig_cutoff                   0.142 
_pdbx_refine.free_R_val_test_set_size_perc_4sig_cutoff   8.300 
_pdbx_refine.free_R_val_test_set_ct_4sig_cutoff          1331 
_pdbx_refine.number_reflns_obs_4sig_cutoff               15912 
# 
_struct.entry_id                  1GHG 
_struct.title                     'CRYSTAL STRUCTURE OF VANCOMYCIN AGLYCON' 
_struct.pdbx_model_details        ? 
_struct.pdbx_CASP_flag            ? 
_struct.pdbx_model_type_details   ? 
# 
_struct_keywords.entry_id        1GHG 
_struct_keywords.pdbx_keywords   ANTIBIOTIC 
_struct_keywords.text            'GLYCOPEPTIDE, ANTIBIOTIC, AGLYCON, VANCOMYCIN' 
# 
loop_
_struct_asym.id 
_struct_asym.pdbx_blank_PDB_chainid_flag 
_struct_asym.pdbx_modified 
_struct_asym.entity_id 
_struct_asym.details 
A N N 1 ? 
B N N 1 ? 
C N N 1 ? 
D N N 1 ? 
E N N 2 ? 
F N N 2 ? 
G N N 2 ? 
H N N 3 ? 
I N N 2 ? 
J N N 3 ? 
K N N 4 ? 
L N N 4 ? 
M N N 4 ? 
N N N 4 ? 
# 
_struct_ref.id                         1 
_struct_ref.db_name                    NOR 
_struct_ref.db_code                    NOR00681 
_struct_ref.entity_id                  1 
_struct_ref.pdbx_seq_one_letter_code   ? 
_struct_ref.pdbx_align_begin           ? 
_struct_ref.pdbx_db_accession          NOR00681 
_struct_ref.pdbx_db_isoform            ? 
# 
loop_
_struct_ref_seq.align_id 
_struct_ref_seq.ref_id 
_struct_ref_seq.pdbx_PDB_id_code 
_struct_ref_seq.pdbx_strand_id 
_struct_ref_seq.seq_align_beg 
_struct_ref_seq.pdbx_seq_align_beg_ins_code 
_struct_ref_seq.seq_align_end 
_struct_ref_seq.pdbx_seq_align_end_ins_code 
_struct_ref_seq.pdbx_db_accession 
_struct_ref_seq.db_align_beg 
_struct_ref_seq.pdbx_db_align_beg_ins_code 
_struct_ref_seq.db_align_end 
_struct_ref_seq.pdbx_db_align_end_ins_code 
_struct_ref_seq.pdbx_auth_seq_align_beg 
_struct_ref_seq.pdbx_auth_seq_align_end 
1 1 1GHG A 1 ? 7 ? NOR00681 1 ? 7 ? 1 7 
2 1 1GHG B 1 ? 7 ? NOR00681 1 ? 7 ? 1 7 
3 1 1GHG C 1 ? 7 ? NOR00681 1 ? 7 ? 1 7 
4 1 1GHG D 1 ? 7 ? NOR00681 1 ? 7 ? 1 7 
# 
loop_
_pdbx_struct_assembly.id 
_pdbx_struct_assembly.details 
_pdbx_struct_assembly.method_details 
_pdbx_struct_assembly.oligomeric_details 
_pdbx_struct_assembly.oligomeric_count 
1 author_and_software_defined_assembly PISA dimeric 2 
2 author_and_software_defined_assembly PISA dimeric 2 
# 
loop_
_pdbx_struct_assembly_gen.assembly_id 
_pdbx_struct_assembly_gen.oper_expression 
_pdbx_struct_assembly_gen.asym_id_list 
1 1 A,B,E,F,K,L     
2 1 C,D,G,H,I,J,M,N 
# 
_pdbx_struct_oper_list.id                   1 
_pdbx_struct_oper_list.type                 'identity operation' 
_pdbx_struct_oper_list.name                 1_555 
_pdbx_struct_oper_list.symmetry_operation   x,y,z 
_pdbx_struct_oper_list.matrix[1][1]         1.0000000000 
_pdbx_struct_oper_list.matrix[1][2]         0.0000000000 
_pdbx_struct_oper_list.matrix[1][3]         0.0000000000 
_pdbx_struct_oper_list.vector[1]            0.0000000000 
_pdbx_struct_oper_list.matrix[2][1]         0.0000000000 
_pdbx_struct_oper_list.matrix[2][2]         1.0000000000 
_pdbx_struct_oper_list.matrix[2][3]         0.0000000000 
_pdbx_struct_oper_list.vector[2]            0.0000000000 
_pdbx_struct_oper_list.matrix[3][1]         0.0000000000 
_pdbx_struct_oper_list.matrix[3][2]         0.0000000000 
_pdbx_struct_oper_list.matrix[3][3]         1.0000000000 
_pdbx_struct_oper_list.vector[3]            0.0000000000 
# 
_struct_biol.id   1 
# 
loop_
_struct_conn.id 
_struct_conn.conn_type_id 
_struct_conn.pdbx_leaving_atom_flag 
_struct_conn.pdbx_PDB_id 
_struct_conn.ptnr1_label_asym_id 
_struct_conn.ptnr1_label_comp_id 
_struct_conn.ptnr1_label_seq_id 
_struct_conn.ptnr1_label_atom_id 
_struct_conn.pdbx_ptnr1_label_alt_id 
_struct_conn.pdbx_ptnr1_PDB_ins_code 
_struct_conn.pdbx_ptnr1_standard_comp_id 
_struct_conn.ptnr1_symmetry 
_struct_conn.ptnr2_label_asym_id 
_struct_conn.ptnr2_label_comp_id 
_struct_conn.ptnr2_label_seq_id 
_struct_conn.ptnr2_label_atom_id 
_struct_conn.pdbx_ptnr2_label_alt_id 
_struct_conn.pdbx_ptnr2_PDB_ins_code 
_struct_conn.ptnr1_auth_asym_id 
_struct_conn.ptnr1_auth_comp_id 
_struct_conn.ptnr1_auth_seq_id 
_struct_conn.ptnr2_auth_asym_id 
_struct_conn.ptnr2_auth_comp_id 
_struct_conn.ptnr2_auth_seq_id 
_struct_conn.ptnr2_symmetry 
_struct_conn.pdbx_ptnr3_label_atom_id 
_struct_conn.pdbx_ptnr3_label_seq_id 
_struct_conn.pdbx_ptnr3_label_comp_id 
_struct_conn.pdbx_ptnr3_label_asym_id 
_struct_conn.pdbx_ptnr3_label_alt_id 
_struct_conn.pdbx_ptnr3_PDB_ins_code 
_struct_conn.details 
_struct_conn.pdbx_dist_value 
_struct_conn.pdbx_value_order 
_struct_conn.pdbx_role 
covale1  covale both ? A MLU 1 C  ? ? ? 1_555 A OMZ 2 N   ? ? A MLU 1 A OMZ 2 1_555 ? ? ? ? ? ? ? 1.347 ? ? 
covale2  covale both ? A OMZ 2 C  ? ? ? 1_555 A ASN 3 N   ? ? A OMZ 2 A ASN 3 1_555 ? ? ? ? ? ? ? 1.387 ? ? 
covale3  covale none ? A OMZ 2 OH ? ? ? 1_555 A GHP 4 C5  ? ? A OMZ 2 A GHP 4 1_555 ? ? ? ? ? ? ? 1.417 ? ? 
covale4  covale both ? A ASN 3 C  ? ? ? 1_555 A GHP 4 N   ? ? A ASN 3 A GHP 4 1_555 ? ? ? ? ? ? ? 1.357 ? ? 
covale5  covale both ? A GHP 4 C  ? ? ? 1_555 A GHP 5 N   ? ? A GHP 4 A GHP 5 1_555 ? ? ? ? ? ? ? 1.332 ? ? 
covale6  covale none ? A GHP 4 C3 ? ? ? 1_555 A OMY 6 OCZ ? ? A GHP 4 A OMY 6 1_555 ? ? ? ? ? ? ? 1.412 ? ? 
covale7  covale both ? A GHP 5 C  ? ? ? 1_555 A OMY 6 N   ? ? A GHP 5 A OMY 6 1_555 ? ? ? ? ? ? ? 1.352 ? ? 
covale8  covale one  ? A GHP 5 C3 ? ? ? 1_555 A 3FG 7 CG1 ? ? A GHP 5 A 3FG 7 1_555 ? ? ? ? ? ? ? 1.521 ? ? 
covale9  covale both ? A OMY 6 C  ? ? ? 1_555 A 3FG 7 N   ? ? A OMY 6 A 3FG 7 1_555 ? ? ? ? ? ? ? 1.348 ? ? 
covale10 covale both ? B MLU 1 C  ? ? ? 1_555 B OMZ 2 N   ? ? B MLU 1 B OMZ 2 1_555 ? ? ? ? ? ? ? 1.314 ? ? 
covale11 covale both ? B OMZ 2 C  ? ? ? 1_555 B ASN 3 N   ? ? B OMZ 2 B ASN 3 1_555 ? ? ? ? ? ? ? 1.394 ? ? 
covale12 covale none ? B OMZ 2 OH ? ? ? 1_555 B GHP 4 C5  ? ? B OMZ 2 B GHP 4 1_555 ? ? ? ? ? ? ? 1.411 ? ? 
covale13 covale both ? B ASN 3 C  ? ? ? 1_555 B GHP 4 N   ? ? B ASN 3 B GHP 4 1_555 ? ? ? ? ? ? ? 1.320 ? ? 
covale14 covale both ? B GHP 4 C  ? ? ? 1_555 B GHP 5 N   ? ? B GHP 4 B GHP 5 1_555 ? ? ? ? ? ? ? 1.348 ? ? 
covale15 covale none ? B GHP 4 C3 ? ? ? 1_555 B OMY 6 OCZ ? ? B GHP 4 B OMY 6 1_555 ? ? ? ? ? ? ? 1.402 ? ? 
covale16 covale both ? B GHP 5 C  ? ? ? 1_555 B OMY 6 N   ? ? B GHP 5 B OMY 6 1_555 ? ? ? ? ? ? ? 1.332 ? ? 
covale17 covale one  ? B GHP 5 C3 ? ? ? 1_555 B 3FG 7 CG1 ? ? B GHP 5 B 3FG 7 1_555 ? ? ? ? ? ? ? 1.490 ? ? 
covale18 covale both ? B OMY 6 C  ? ? ? 1_555 B 3FG 7 N   ? ? B OMY 6 B 3FG 7 1_555 ? ? ? ? ? ? ? 1.331 ? ? 
covale19 covale both ? C MLU 1 C  ? ? ? 1_555 C OMZ 2 N   ? ? C MLU 1 C OMZ 2 1_555 ? ? ? ? ? ? ? 1.340 ? ? 
covale20 covale both ? C OMZ 2 C  ? ? ? 1_555 C ASN 3 N   ? ? C OMZ 2 C ASN 3 1_555 ? ? ? ? ? ? ? 1.353 ? ? 
covale21 covale none ? C OMZ 2 OH ? ? ? 1_555 C GHP 4 C5  ? ? C OMZ 2 C GHP 4 1_555 ? ? ? ? ? ? ? 1.376 ? ? 
covale22 covale both ? C ASN 3 C  ? ? ? 1_555 C GHP 4 N   ? ? C ASN 3 C GHP 4 1_555 ? ? ? ? ? ? ? 1.310 ? ? 
covale23 covale both ? C GHP 4 C  ? ? ? 1_555 C GHP 5 N   ? ? C GHP 4 C GHP 5 1_555 ? ? ? ? ? ? ? 1.343 ? ? 
covale24 covale none ? C GHP 4 C3 ? ? ? 1_555 C OMY 6 OCZ ? ? C GHP 4 C OMY 6 1_555 ? ? ? ? ? ? ? 1.428 ? ? 
covale25 covale both ? C GHP 5 C  ? ? ? 1_555 C OMY 6 N   ? ? C GHP 5 C OMY 6 1_555 ? ? ? ? ? ? ? 1.334 ? ? 
covale26 covale one  ? C GHP 5 C3 ? ? ? 1_555 C 3FG 7 CG1 ? ? C GHP 5 C 3FG 7 1_555 ? ? ? ? ? ? ? 1.485 ? ? 
covale27 covale both ? C OMY 6 C  ? ? ? 1_555 C 3FG 7 N   ? ? C OMY 6 C 3FG 7 1_555 ? ? ? ? ? ? ? 1.353 ? ? 
covale28 covale both ? D MLU 1 C  ? ? ? 1_555 D OMZ 2 N   ? ? D MLU 1 D OMZ 2 1_555 ? ? ? ? ? ? ? 1.331 ? ? 
covale29 covale both ? D OMZ 2 C  ? ? ? 1_555 D ASN 3 N   ? ? D OMZ 2 D ASN 3 1_555 ? ? ? ? ? ? ? 1.355 ? ? 
covale30 covale none ? D OMZ 2 OH ? ? ? 1_555 D GHP 4 C5  ? ? D OMZ 2 D GHP 4 1_555 ? ? ? ? ? ? ? 1.406 ? ? 
covale31 covale both ? D ASN 3 C  ? ? ? 1_555 D GHP 4 N   ? ? D ASN 3 D GHP 4 1_555 ? ? ? ? ? ? ? 1.340 ? ? 
covale32 covale both ? D GHP 4 C  ? ? ? 1_555 D GHP 5 N   ? ? D GHP 4 D GHP 5 1_555 ? ? ? ? ? ? ? 1.333 ? ? 
covale33 covale none ? D GHP 4 C3 ? ? ? 1_555 D OMY 6 OCZ ? ? D GHP 4 D OMY 6 1_555 ? ? ? ? ? ? ? 1.420 ? ? 
covale34 covale both ? D GHP 5 C  ? ? ? 1_555 D OMY 6 N   ? ? D GHP 5 D OMY 6 1_555 ? ? ? ? ? ? ? 1.278 ? ? 
covale35 covale one  ? D GHP 5 C3 ? ? ? 1_555 D 3FG 7 CG1 ? ? D GHP 5 D 3FG 7 1_555 ? ? ? ? ? ? ? 1.467 ? ? 
covale36 covale both ? D OMY 6 C  ? ? ? 1_555 D 3FG 7 N   ? ? D OMY 6 D 3FG 7 1_555 ? ? ? ? ? ? ? 1.363 ? ? 
# 
_struct_conn_type.id          covale 
_struct_conn_type.criteria    ? 
_struct_conn_type.reference   ? 
# 
loop_
_struct_mon_prot_cis.pdbx_id 
_struct_mon_prot_cis.label_comp_id 
_struct_mon_prot_cis.label_seq_id 
_struct_mon_prot_cis.label_asym_id 
_struct_mon_prot_cis.label_alt_id 
_struct_mon_prot_cis.pdbx_PDB_ins_code 
_struct_mon_prot_cis.auth_comp_id 
_struct_mon_prot_cis.auth_seq_id 
_struct_mon_prot_cis.auth_asym_id 
_struct_mon_prot_cis.pdbx_label_comp_id_2 
_struct_mon_prot_cis.pdbx_label_seq_id_2 
_struct_mon_prot_cis.pdbx_label_asym_id_2 
_struct_mon_prot_cis.pdbx_PDB_ins_code_2 
_struct_mon_prot_cis.pdbx_auth_comp_id_2 
_struct_mon_prot_cis.pdbx_auth_seq_id_2 
_struct_mon_prot_cis.pdbx_auth_asym_id_2 
_struct_mon_prot_cis.pdbx_PDB_model_num 
_struct_mon_prot_cis.pdbx_omega_angle 
1 GHP 5 A . ? GHP 5 A OMY 6 A ? OMY 6 A 1 11.50 
2 GHP 5 B . ? GHP 5 B OMY 6 B ? OMY 6 B 1 11.15 
3 GHP 5 C . ? GHP 5 C OMY 6 C ? OMY 6 C 1 9.42  
4 GHP 5 D . ? GHP 5 D OMY 6 D ? OMY 6 D 1 5.63  
# 
loop_
_struct_site.id 
_struct_site.pdbx_evidence_code 
_struct_site.pdbx_auth_asym_id 
_struct_site.pdbx_auth_comp_id 
_struct_site.pdbx_auth_seq_id 
_struct_site.pdbx_auth_ins_code 
_struct_site.pdbx_num_residues 
_struct_site.details 
AC1 Software A ACY 11 ? 6  'BINDING SITE FOR RESIDUE ACY A 11'               
AC2 Software B ACY 11 ? 7  'BINDING SITE FOR RESIDUE ACY B 11'               
AC3 Software C ACY 11 ? 7  'BINDING SITE FOR RESIDUE ACY C 11'               
AC4 Software C DMS 12 ? 5  'BINDING SITE FOR RESIDUE DMS C 12'               
AC5 Software D ACY 11 ? 6  'BINDING SITE FOR RESIDUE ACY D 11'               
AC6 Software D DMS 12 ? 5  'BINDING SITE FOR RESIDUE DMS D 12'               
AC7 Software ? ?   ?  ? 35 'BINDING SITE FOR CHAIN A OF VANCOMYCIN AGLYCONE' 
AC8 Software ? ?   ?  ? 38 'BINDING SITE FOR CHAIN B OF VANCOMYCIN AGLYCONE' 
AC9 Software ? ?   ?  ? 36 'BINDING SITE FOR CHAIN C OF VANCOMYCIN AGLYCONE' 
BC1 Software ? ?   ?  ? 40 'BINDING SITE FOR CHAIN D OF VANCOMYCIN AGLYCONE' 
# 
loop_
_struct_site_gen.id 
_struct_site_gen.site_id 
_struct_site_gen.pdbx_num_res 
_struct_site_gen.label_comp_id 
_struct_site_gen.label_asym_id 
_struct_site_gen.label_seq_id 
_struct_site_gen.pdbx_auth_ins_code 
_struct_site_gen.auth_comp_id 
_struct_site_gen.auth_asym_id 
_struct_site_gen.auth_seq_id 
_struct_site_gen.label_atom_id 
_struct_site_gen.label_alt_id 
_struct_site_gen.symmetry 
_struct_site_gen.details 
1   AC1 6  MLU A 1 ? MLU A 1    . ? 1_555 ? 
2   AC1 6  OMZ A 2 ? OMZ A 2    . ? 1_555 ? 
3   AC1 6  ASN A 3 ? ASN A 3    . ? 1_555 ? 
4   AC1 6  GHP A 4 ? GHP A 4    . ? 1_555 ? 
5   AC1 6  OMY A 6 ? OMY A 6    . ? 1_555 ? 
6   AC1 6  MLU B 1 ? MLU B 1    . ? 3_545 ? 
7   AC2 7  MLU B 1 ? MLU B 1    . ? 1_555 ? 
8   AC2 7  OMZ B 2 ? OMZ B 2    . ? 1_555 ? 
9   AC2 7  ASN B 3 ? ASN B 3    . ? 1_555 ? 
10  AC2 7  GHP B 4 ? GHP B 4    . ? 1_555 ? 
11  AC2 7  GHP C 4 ? GHP C 4    . ? 7_555 ? 
12  AC2 7  OMY C 6 ? OMY C 6    . ? 7_555 ? 
13  AC2 7  HOH N . ? HOH D 2005 . ? 4_554 ? 
14  AC3 7  MLU C 1 ? MLU C 1    . ? 1_555 ? 
15  AC3 7  OMZ C 2 ? OMZ C 2    . ? 1_555 ? 
16  AC3 7  ASN C 3 ? ASN C 3    . ? 1_555 ? 
17  AC3 7  GHP C 4 ? GHP C 4    . ? 1_555 ? 
18  AC3 7  DMS H . ? DMS C 12   . ? 1_555 ? 
19  AC3 7  HOH M . ? HOH C 2013 . ? 1_555 ? 
20  AC3 7  3FG D 7 ? 3FG D 7    . ? 4_454 ? 
21  AC4 5  GHP C 4 ? GHP C 4    . ? 1_555 ? 
22  AC4 5  GHP C 5 ? GHP C 5    . ? 1_555 ? 
23  AC4 5  OMY C 6 ? OMY C 6    . ? 1_555 ? 
24  AC4 5  3FG C 7 ? 3FG C 7    . ? 1_555 ? 
25  AC4 5  ACY G . ? ACY C 11   . ? 1_555 ? 
26  AC5 6  3FG C 7 ? 3FG C 7    . ? 3_555 ? 
27  AC5 6  MLU D 1 ? MLU D 1    . ? 1_555 ? 
28  AC5 6  OMZ D 2 ? OMZ D 2    . ? 1_555 ? 
29  AC5 6  ASN D 3 ? ASN D 3    . ? 1_555 ? 
30  AC5 6  GHP D 4 ? GHP D 4    . ? 1_555 ? 
31  AC5 6  HOH N . ? HOH D 2006 . ? 1_555 ? 
32  AC6 5  OMZ B 2 ? OMZ B 2    . ? 5_555 ? 
33  AC6 5  GHP B 4 ? GHP B 4    . ? 5_555 ? 
34  AC6 5  GHP D 5 ? GHP D 5    . ? 1_555 ? 
35  AC6 5  OMY D 6 ? OMY D 6    . ? 1_555 ? 
36  AC6 5  3FG D 7 ? 3FG D 7    . ? 1_555 ? 
37  AC7 35 ACY E . ? ACY A 11   . ? 1_555 ? 
38  AC7 35 HOH K . ? HOH A 2001 . ? 1_555 ? 
39  AC7 35 HOH K . ? HOH A 2005 . ? 1_555 ? 
40  AC7 35 HOH K . ? HOH A 2007 . ? 1_555 ? 
41  AC7 35 HOH K . ? HOH A 2008 . ? 1_555 ? 
42  AC7 35 HOH K . ? HOH A 2009 . ? 1_555 ? 
43  AC7 35 HOH K . ? HOH A 2011 . ? 1_555 ? 
44  AC7 35 HOH K . ? HOH A 2012 . ? 1_555 ? 
45  AC7 35 HOH K . ? HOH A 2013 . ? 1_555 ? 
46  AC7 35 HOH K . ? HOH A 2014 . ? 1_555 ? 
47  AC7 35 HOH K . ? HOH A 2015 . ? 1_555 ? 
48  AC7 35 HOH K . ? HOH A 2016 . ? 1_555 ? 
49  AC7 35 HOH K . ? HOH A 2017 . ? 1_555 ? 
50  AC7 35 HOH K . ? HOH A 2018 . ? 5_655 ? 
51  AC7 35 HOH K . ? HOH A 2018 . ? 1_555 ? 
52  AC7 35 MLU B 1 ? MLU B 1    . ? 3_545 ? 
53  AC7 35 OMZ B 2 ? OMZ B 2    . ? 1_555 ? 
54  AC7 35 ASN B 3 ? ASN B 3    . ? 1_555 ? 
55  AC7 35 GHP B 4 ? GHP B 4    . ? 1_555 ? 
56  AC7 35 GHP B 5 ? GHP B 5    . ? 1_555 ? 
57  AC7 35 OMY B 6 ? OMY B 6    . ? 1_555 ? 
58  AC7 35 3FG B 7 ? 3FG B 7    . ? 3_645 ? 
59  AC7 35 HOH L . ? HOH B 2011 . ? 1_555 ? 
60  AC7 35 MLU C 1 ? MLU C 1    . ? 1_655 ? 
61  AC7 35 OMZ C 2 ? OMZ C 2    . ? 1_655 ? 
62  AC7 35 OMZ C 2 ? OMZ C 2    . ? 5_545 ? 
63  AC7 35 ASN C 3 ? ASN C 3    . ? 1_655 ? 
64  AC7 35 GHP C 5 ? GHP C 5    . ? 1_655 ? 
65  AC7 35 3FG C 7 ? 3FG C 7    . ? 1_655 ? 
66  AC7 35 HOH M . ? HOH C 2013 . ? 1_655 ? 
67  AC7 35 MLU D 1 ? MLU D 1    . ? 4_554 ? 
68  AC7 35 OMY D 6 ? OMY D 6    . ? 5_545 ? 
69  AC7 35 HOH N . ? HOH D 2003 . ? 1_555 ? 
70  AC7 35 HOH N . ? HOH D 2007 . ? 5_545 ? 
71  AC7 35 HOH N . ? HOH D 2010 . ? 5_545 ? 
72  AC8 38 MLU A 1 ? MLU A 1    . ? 4_554 ? 
73  AC8 38 OMZ A 2 ? OMZ A 2    . ? 4_554 ? 
74  AC8 38 ASN A 3 ? ASN A 3    . ? 1_555 ? 
75  AC8 38 GHP A 4 ? GHP A 4    . ? 1_555 ? 
76  AC8 38 GHP A 5 ? GHP A 5    . ? 1_555 ? 
77  AC8 38 OMY A 6 ? OMY A 6    . ? 1_555 ? 
78  AC8 38 3FG A 7 ? 3FG A 7    . ? 4_564 ? 
79  AC8 38 ACY E . ? ACY A 11   . ? 4_554 ? 
80  AC8 38 HOH K . ? HOH A 2007 . ? 7_555 ? 
81  AC8 38 HOH K . ? HOH A 2013 . ? 1_555 ? 
82  AC8 38 HOH K . ? HOH A 2016 . ? 4_564 ? 
83  AC8 38 ACY F . ? ACY B 11   . ? 1_555 ? 
84  AC8 38 HOH L . ? HOH B 2001 . ? 1_555 ? 
85  AC8 38 HOH L . ? HOH B 2004 . ? 1_555 ? 
86  AC8 38 HOH L . ? HOH B 2005 . ? 1_555 ? 
87  AC8 38 HOH L . ? HOH B 2007 . ? 1_555 ? 
88  AC8 38 HOH L . ? HOH B 2008 . ? 1_555 ? 
89  AC8 38 HOH L . ? HOH B 2011 . ? 1_555 ? 
90  AC8 38 HOH L . ? HOH B 2012 . ? 1_555 ? 
91  AC8 38 HOH L . ? HOH B 2013 . ? 1_555 ? 
92  AC8 38 HOH L . ? HOH B 2014 . ? 1_555 ? 
93  AC8 38 HOH L . ? HOH B 2015 . ? 1_555 ? 
94  AC8 38 MLU C 1 ? MLU C 1    . ? 1_655 ? 
95  AC8 38 OMZ C 2 ? OMZ C 2    . ? 7_555 ? 
96  AC8 38 GHP C 4 ? GHP C 4    . ? 7_555 ? 
97  AC8 38 GHP C 5 ? GHP C 5    . ? 4_554 ? 
98  AC8 38 OMY C 6 ? OMY C 6    . ? 7_555 ? 
99  AC8 38 MLU D 1 ? MLU D 1    . ? 4_554 ? 
100 AC8 38 OMZ D 2 ? OMZ D 2    . ? 4_554 ? 
101 AC8 38 ASN D 3 ? ASN D 3    . ? 4_554 ? 
102 AC8 38 GHP D 4 ? GHP D 4    . ? 7_555 ? 
103 AC8 38 GHP D 5 ? GHP D 5    . ? 4_554 ? 
104 AC8 38 3FG D 7 ? 3FG D 7    . ? 4_554 ? 
105 AC8 38 3FG D 7 ? 3FG D 7    . ? 5_545 ? 
106 AC8 38 DMS J . ? DMS D 12   . ? 5_545 ? 
107 AC8 38 HOH N . ? HOH D 2003 . ? 4_554 ? 
108 AC8 38 HOH N . ? HOH D 2005 . ? 4_554 ? 
109 AC8 38 HOH N . ? HOH D 2006 . ? 4_554 ? 
110 AC9 36 MLU A 1 ? MLU A 1    . ? 1_455 ? 
111 AC9 36 ASN A 3 ? ASN A 3    . ? 1_455 ? 
112 AC9 36 GHP A 4 ? GHP A 4    . ? 1_455 ? 
113 AC9 36 GHP A 5 ? GHP A 5    . ? 1_455 ? 
114 AC9 36 OMY A 6 ? OMY A 6    . ? 5_555 ? 
115 AC9 36 3FG A 7 ? 3FG A 7    . ? 1_455 ? 
116 AC9 36 MLU B 1 ? MLU B 1    . ? 7_555 ? 
117 AC9 36 OMZ B 2 ? OMZ B 2    . ? 7_555 ? 
118 AC9 36 GHP B 4 ? GHP B 4    . ? 7_555 ? 
119 AC9 36 OMY B 6 ? OMY B 6    . ? 1_455 ? 
120 AC9 36 3FG B 7 ? 3FG B 7    . ? 3_545 ? 
121 AC9 36 ACY F . ? ACY B 11   . ? 7_555 ? 
122 AC9 36 ACY G . ? ACY C 11   . ? 1_555 ? 
123 AC9 36 DMS H . ? DMS C 12   . ? 1_555 ? 
124 AC9 36 HOH M . ? HOH C 2001 . ? 1_555 ? 
125 AC9 36 HOH M . ? HOH C 2002 . ? 1_555 ? 
126 AC9 36 HOH M . ? HOH C 2005 . ? 1_555 ? 
127 AC9 36 HOH M . ? HOH C 2007 . ? 1_555 ? 
128 AC9 36 HOH M . ? HOH C 2008 . ? 1_555 ? 
129 AC9 36 HOH M . ? HOH C 2010 . ? 1_555 ? 
130 AC9 36 HOH M . ? HOH C 2013 . ? 1_555 ? 
131 AC9 36 HOH M . ? HOH C 2014 . ? 1_555 ? 
132 AC9 36 HOH M . ? HOH C 2015 . ? 1_555 ? 
133 AC9 36 HOH M . ? HOH C 2016 . ? 1_555 ? 
134 AC9 36 HOH M . ? HOH C 2017 . ? 1_555 ? 
135 AC9 36 HOH M . ? HOH C 2018 . ? 1_555 ? 
136 AC9 36 HOH M . ? HOH C 2019 . ? 1_555 ? 
137 AC9 36 MLU D 1 ? MLU D 1    . ? 4_454 ? 
138 AC9 36 ASN D 3 ? ASN D 3    . ? 1_555 ? 
139 AC9 36 GHP D 4 ? GHP D 4    . ? 1_555 ? 
140 AC9 36 GHP D 5 ? GHP D 5    . ? 1_555 ? 
141 AC9 36 GHP D 5 ? GHP D 5    . ? 4_454 ? 
142 AC9 36 OMY D 6 ? OMY D 6    . ? 1_555 ? 
143 AC9 36 3FG D 7 ? 3FG D 7    . ? 4_454 ? 
144 AC9 36 ACY I . ? ACY D 11   . ? 4_454 ? 
145 AC9 36 HOH N . ? HOH D 2001 . ? 4_454 ? 
146 BC1 40 GHP A 4 ? GHP A 4    . ? 5_555 ? 
147 BC1 40 GHP A 5 ? GHP A 5    . ? 3_545 ? 
148 BC1 40 OMY A 6 ? OMY A 6    . ? 5_555 ? 
149 BC1 40 HOH K . ? HOH A 2017 . ? 1_455 ? 
150 BC1 40 MLU B 1 ? MLU B 1    . ? 7_555 ? 
151 BC1 40 OMZ B 2 ? OMZ B 2    . ? 5_555 ? 
152 BC1 40 ASN B 3 ? ASN B 3    . ? 3_545 ? 
153 BC1 40 GHP B 4 ? GHP B 4    . ? 3_545 ? 
154 BC1 40 GHP B 5 ? GHP B 5    . ? 3_545 ? 
155 BC1 40 3FG B 7 ? 3FG B 7    . ? 3_545 ? 
156 BC1 40 HOH L . ? HOH B 2001 . ? 7_555 ? 
157 BC1 40 HOH L . ? HOH B 2004 . ? 5_555 ? 
158 BC1 40 HOH L . ? HOH B 2007 . ? 3_545 ? 
159 BC1 40 HOH L . ? HOH B 2015 . ? 3_545 ? 
160 BC1 40 MLU C 1 ? MLU C 1    . ? 3_555 ? 
161 BC1 40 OMZ C 2 ? OMZ C 2    . ? 1_555 ? 
162 BC1 40 OMZ C 2 ? OMZ C 2    . ? 3_555 ? 
163 BC1 40 ASN C 3 ? ASN C 3    . ? 1_555 ? 
164 BC1 40 GHP C 4 ? GHP C 4    . ? 1_555 ? 
165 BC1 40 GHP C 5 ? GHP C 5    . ? 1_555 ? 
166 BC1 40 OMY C 6 ? OMY C 6    . ? 1_555 ? 
167 BC1 40 3FG C 7 ? 3FG C 7    . ? 3_555 ? 
168 BC1 40 ACY G . ? ACY C 11   . ? 3_555 ? 
169 BC1 40 HOH M . ? HOH C 2005 . ? 1_555 ? 
170 BC1 40 HOH M . ? HOH C 2010 . ? 1_555 ? 
171 BC1 40 ACY I . ? ACY D 11   . ? 1_555 ? 
172 BC1 40 DMS J . ? DMS D 12   . ? 1_555 ? 
173 BC1 40 HOH N . ? HOH D 2001 . ? 1_555 ? 
174 BC1 40 HOH N . ? HOH D 2002 . ? 1_555 ? 
175 BC1 40 HOH N . ? HOH D 2003 . ? 1_555 ? 
176 BC1 40 HOH N . ? HOH D 2004 . ? 1_555 ? 
177 BC1 40 HOH N . ? HOH D 2005 . ? 1_555 ? 
178 BC1 40 HOH N . ? HOH D 2006 . ? 1_555 ? 
179 BC1 40 HOH N . ? HOH D 2007 . ? 1_555 ? 
180 BC1 40 HOH N . ? HOH D 2010 . ? 1_555 ? 
181 BC1 40 HOH N . ? HOH D 2011 . ? 1_555 ? 
182 BC1 40 HOH N . ? HOH D 2012 . ? 1_555 ? 
183 BC1 40 HOH N . ? HOH D 2013 . ? 1_555 ? 
184 BC1 40 HOH N . ? HOH D 2014 . ? 1_555 ? 
185 BC1 40 HOH N . ? HOH D 2015 . ? 1_555 ? 
# 
loop_
_pdbx_validate_torsion.id 
_pdbx_validate_torsion.PDB_model_num 
_pdbx_validate_torsion.auth_comp_id 
_pdbx_validate_torsion.auth_asym_id 
_pdbx_validate_torsion.auth_seq_id 
_pdbx_validate_torsion.PDB_ins_code 
_pdbx_validate_torsion.label_alt_id 
_pdbx_validate_torsion.phi 
_pdbx_validate_torsion.psi 
1 1 ASN A 3 ? ? -125.45 -55.08 
2 1 ASN B 3 ? ? -121.54 -59.59 
3 1 ASN D 3 ? ? -106.96 -66.47 
# 
_pdbx_molecule_features.prd_id    PRD_000206 
_pdbx_molecule_features.name      'VANCOMYCIN AGLYCON' 
_pdbx_molecule_features.type      Oligopeptide 
_pdbx_molecule_features.class     Antibiotic 
_pdbx_molecule_features.details   
;VANCOMYCIN AGLYCON IS THE NONSUGAR COMPONENT OF
 VANCOMYCIN, CONSISTING OF THE TRICYCLIC
 HEPTAPEPTIDE ONLY.
;
# 
loop_
_pdbx_molecule.instance_id 
_pdbx_molecule.prd_id 
_pdbx_molecule.asym_id 
1 PRD_000206 A 
2 PRD_000206 B 
3 PRD_000206 C 
4 PRD_000206 D 
# 
_pdbx_struct_special_symmetry.id              1 
_pdbx_struct_special_symmetry.PDB_model_num   1 
_pdbx_struct_special_symmetry.auth_asym_id    C 
_pdbx_struct_special_symmetry.auth_comp_id    HOH 
_pdbx_struct_special_symmetry.auth_seq_id     2003 
_pdbx_struct_special_symmetry.PDB_ins_code    ? 
_pdbx_struct_special_symmetry.label_asym_id   M 
_pdbx_struct_special_symmetry.label_comp_id   HOH 
_pdbx_struct_special_symmetry.label_seq_id    . 
# 
_pdbx_entry_details.entry_id                 1GHG 
_pdbx_entry_details.compound_details         
;VANCOMYCIN IS A TRICYCLIC GLYCOPEPTIDE. THE SCAFFOLD IS
 A HEPTAPEPTIDE WITH THE CONFIGURATION D-D-L-D-D-L-L. IT IS
 FURTHER GLYCOSYLATED BY A DISACCHARIDE MADE OF D-GLUCOSE
 AND VANCOSAMINE.
 HERE, VANCOMYCIN AGLYCON IS REPRESENTED BY SEQUENCE (SEQRES)
;
_pdbx_entry_details.source_details           ? 
_pdbx_entry_details.nonpolymer_details       ? 
_pdbx_entry_details.sequence_details         ? 
_pdbx_entry_details.has_ligand_of_interest   ? 
# 
loop_
_chem_comp_atom.comp_id 
_chem_comp_atom.atom_id 
_chem_comp_atom.type_symbol 
_chem_comp_atom.pdbx_aromatic_flag 
_chem_comp_atom.pdbx_stereo_config 
_chem_comp_atom.pdbx_ordinal 
3FG N    N  N N 1   
3FG OD1  O  N N 2   
3FG CD1  C  Y N 3   
3FG CG1  C  Y N 4   
3FG CZ   C  Y N 5   
3FG CD2  C  Y N 6   
3FG OD2  O  N N 7   
3FG CG2  C  Y N 8   
3FG CB   C  Y N 9   
3FG CA   C  N S 10  
3FG C    C  N N 11  
3FG O    O  N N 12  
3FG OXT  O  N N 13  
3FG H    H  N N 14  
3FG H2   H  N N 15  
3FG HA   H  N N 16  
3FG HD1  H  N N 17  
3FG HG1  H  N N 18  
3FG HZ   H  N N 19  
3FG HD2  H  N N 20  
3FG HG2  H  N N 21  
3FG HXT  H  N N 22  
ACY C    C  N N 23  
ACY O    O  N N 24  
ACY OXT  O  N N 25  
ACY CH3  C  N N 26  
ACY HXT  H  N N 27  
ACY H1   H  N N 28  
ACY H2   H  N N 29  
ACY H3   H  N N 30  
ASN N    N  N N 31  
ASN CA   C  N S 32  
ASN C    C  N N 33  
ASN O    O  N N 34  
ASN CB   C  N N 35  
ASN CG   C  N N 36  
ASN OD1  O  N N 37  
ASN ND2  N  N N 38  
ASN OXT  O  N N 39  
ASN H    H  N N 40  
ASN H2   H  N N 41  
ASN HA   H  N N 42  
ASN HB2  H  N N 43  
ASN HB3  H  N N 44  
ASN HD21 H  N N 45  
ASN HD22 H  N N 46  
ASN HXT  H  N N 47  
DMS S    S  N N 48  
DMS O    O  N N 49  
DMS C1   C  N N 50  
DMS C2   C  N N 51  
DMS H11  H  N N 52  
DMS H12  H  N N 53  
DMS H13  H  N N 54  
DMS H21  H  N N 55  
DMS H22  H  N N 56  
DMS H23  H  N N 57  
GHP N    N  N N 58  
GHP CA   C  N R 59  
GHP C    C  N N 60  
GHP O    O  N N 61  
GHP OXT  O  N N 62  
GHP C1   C  Y N 63  
GHP C2   C  Y N 64  
GHP C3   C  Y N 65  
GHP C4   C  Y N 66  
GHP O4   O  N N 67  
GHP C5   C  Y N 68  
GHP C6   C  Y N 69  
GHP H    H  N N 70  
GHP H2   H  N N 71  
GHP HA   H  N N 72  
GHP HXT  H  N N 73  
GHP HC2  H  N N 74  
GHP H3   H  N N 75  
GHP HO4  H  N N 76  
GHP H5   H  N N 77  
GHP H6   H  N N 78  
HOH O    O  N N 79  
HOH H1   H  N N 80  
HOH H2   H  N N 81  
MLU N    N  N N 82  
MLU CN   C  N N 83  
MLU CA   C  N R 84  
MLU C    C  N N 85  
MLU O    O  N N 86  
MLU CB   C  N N 87  
MLU CG   C  N N 88  
MLU CD1  C  N N 89  
MLU CD2  C  N N 90  
MLU OXT  O  N N 91  
MLU H    H  N N 92  
MLU HCN1 H  N N 93  
MLU HCN2 H  N N 94  
MLU HCN3 H  N N 95  
MLU HA   H  N N 96  
MLU HB2  H  N N 97  
MLU HB3  H  N N 98  
MLU HXT  H  N N 99  
MLU HG   H  N N 100 
MLU HD11 H  N N 101 
MLU HD12 H  N N 102 
MLU HD13 H  N N 103 
MLU HD21 H  N N 104 
MLU HD22 H  N N 105 
MLU HD23 H  N N 106 
OMY N    N  N N 107 
OMY CA   C  N S 108 
OMY OCZ  O  N N 109 
OMY CE2  C  Y N 110 
OMY CE1  C  Y N 111 
OMY CZ   C  Y N 112 
OMY CG   C  Y N 113 
OMY CD2  C  Y N 114 
OMY CD1  C  Y N 115 
OMY CB   C  N R 116 
OMY CL   CL N N 117 
OMY O    O  N N 118 
OMY C    C  N N 119 
OMY ODE  O  N N 120 
OMY OXT  O  N N 121 
OMY H    H  N N 122 
OMY H2   H  N N 123 
OMY HA   H  N N 124 
OMY HCZ  H  N N 125 
OMY HE2  H  N N 126 
OMY HD2  H  N N 127 
OMY HD1  H  N N 128 
OMY HB   H  N N 129 
OMY HXT  H  N N 130 
OMY HDE  H  N N 131 
OMZ N    N  N N 132 
OMZ CA   C  N R 133 
OMZ C    C  N N 134 
OMZ O    O  N N 135 
OMZ OXT  O  N N 136 
OMZ CB   C  N R 137 
OMZ OC   O  N N 138 
OMZ CG   C  Y N 139 
OMZ CD1  C  Y N 140 
OMZ CD2  C  Y N 141 
OMZ CE1  C  Y N 142 
OMZ CL   CL N N 143 
OMZ CE2  C  Y N 144 
OMZ CZ   C  Y N 145 
OMZ OH   O  N N 146 
OMZ H    H  N N 147 
OMZ H2   H  N N 148 
OMZ HA   H  N N 149 
OMZ HB   H  N N 150 
OMZ HXT  H  N N 151 
OMZ HC   H  N N 152 
OMZ HD1  H  N N 153 
OMZ HD2  H  N N 154 
OMZ HE2  H  N N 155 
OMZ HH   H  N N 156 
# 
loop_
_chem_comp_bond.comp_id 
_chem_comp_bond.atom_id_1 
_chem_comp_bond.atom_id_2 
_chem_comp_bond.value_order 
_chem_comp_bond.pdbx_aromatic_flag 
_chem_comp_bond.pdbx_stereo_config 
_chem_comp_bond.pdbx_ordinal 
3FG N   CA   sing N N 1   
3FG OD1 CD1  sing N N 2   
3FG CD1 CG1  sing Y N 3   
3FG CD1 CZ   doub Y N 4   
3FG CG1 CB   doub Y N 5   
3FG CZ  CD2  sing Y N 6   
3FG CD2 OD2  sing N N 7   
3FG CD2 CG2  doub Y N 8   
3FG CG2 CB   sing Y N 9   
3FG CB  CA   sing N N 10  
3FG CA  C    sing N N 11  
3FG C   O    doub N N 12  
3FG C   OXT  sing N N 13  
3FG N   H    sing N N 14  
3FG N   H2   sing N N 15  
3FG CA  HA   sing N N 16  
3FG OD1 HD1  sing N N 17  
3FG CG1 HG1  sing N N 18  
3FG CZ  HZ   sing N N 19  
3FG OD2 HD2  sing N N 20  
3FG CG2 HG2  sing N N 21  
3FG OXT HXT  sing N N 22  
ACY C   O    doub N N 23  
ACY C   OXT  sing N N 24  
ACY C   CH3  sing N N 25  
ACY OXT HXT  sing N N 26  
ACY CH3 H1   sing N N 27  
ACY CH3 H2   sing N N 28  
ACY CH3 H3   sing N N 29  
ASN N   CA   sing N N 30  
ASN N   H    sing N N 31  
ASN N   H2   sing N N 32  
ASN CA  C    sing N N 33  
ASN CA  CB   sing N N 34  
ASN CA  HA   sing N N 35  
ASN C   O    doub N N 36  
ASN C   OXT  sing N N 37  
ASN CB  CG   sing N N 38  
ASN CB  HB2  sing N N 39  
ASN CB  HB3  sing N N 40  
ASN CG  OD1  doub N N 41  
ASN CG  ND2  sing N N 42  
ASN ND2 HD21 sing N N 43  
ASN ND2 HD22 sing N N 44  
ASN OXT HXT  sing N N 45  
DMS S   O    doub N N 46  
DMS S   C1   sing N N 47  
DMS S   C2   sing N N 48  
DMS C1  H11  sing N N 49  
DMS C1  H12  sing N N 50  
DMS C1  H13  sing N N 51  
DMS C2  H21  sing N N 52  
DMS C2  H22  sing N N 53  
DMS C2  H23  sing N N 54  
GHP N   CA   sing N N 55  
GHP N   H    sing N N 56  
GHP N   H2   sing N N 57  
GHP CA  C    sing N N 58  
GHP CA  C1   sing N N 59  
GHP CA  HA   sing N N 60  
GHP C   O    doub N N 61  
GHP C   OXT  sing N N 62  
GHP OXT HXT  sing N N 63  
GHP C1  C2   doub Y N 64  
GHP C1  C6   sing Y N 65  
GHP C2  C3   sing Y N 66  
GHP C2  HC2  sing N N 67  
GHP C3  C4   doub Y N 68  
GHP C3  H3   sing N N 69  
GHP C4  O4   sing N N 70  
GHP C4  C5   sing Y N 71  
GHP O4  HO4  sing N N 72  
GHP C5  C6   doub Y N 73  
GHP C5  H5   sing N N 74  
GHP C6  H6   sing N N 75  
HOH O   H1   sing N N 76  
HOH O   H2   sing N N 77  
MLU N   CN   sing N N 78  
MLU N   CA   sing N N 79  
MLU CA  C    sing N N 80  
MLU CA  CB   sing N N 81  
MLU C   O    doub N N 82  
MLU C   OXT  sing N N 83  
MLU CB  CG   sing N N 84  
MLU CG  CD1  sing N N 85  
MLU CG  CD2  sing N N 86  
MLU N   H    sing N N 87  
MLU CN  HCN1 sing N N 88  
MLU CN  HCN2 sing N N 89  
MLU CN  HCN3 sing N N 90  
MLU CA  HA   sing N N 91  
MLU CB  HB2  sing N N 92  
MLU CB  HB3  sing N N 93  
MLU OXT HXT  sing N N 94  
MLU CG  HG   sing N N 95  
MLU CD1 HD11 sing N N 96  
MLU CD1 HD12 sing N N 97  
MLU CD1 HD13 sing N N 98  
MLU CD2 HD21 sing N N 99  
MLU CD2 HD22 sing N N 100 
MLU CD2 HD23 sing N N 101 
OMY N   CA   sing N N 102 
OMY OCZ CZ   sing N N 103 
OMY CZ  CE2  sing Y N 104 
OMY CZ  CE1  doub Y N 105 
OMY CE2 CD2  doub Y N 106 
OMY CD2 CG   sing Y N 107 
OMY CG  CD1  doub Y N 108 
OMY CG  CB   sing N N 109 
OMY CD1 CE1  sing Y N 110 
OMY CE1 CL   sing N N 111 
OMY C   O    doub N N 112 
OMY C   CA   sing N N 113 
OMY C   OXT  sing N N 114 
OMY CA  CB   sing N N 115 
OMY CB  ODE  sing N N 116 
OMY N   H    sing N N 117 
OMY N   H2   sing N N 118 
OMY CA  HA   sing N N 119 
OMY OCZ HCZ  sing N N 120 
OMY CE2 HE2  sing N N 121 
OMY CD2 HD2  sing N N 122 
OMY CD1 HD1  sing N N 123 
OMY CB  HB   sing N N 124 
OMY OXT HXT  sing N N 125 
OMY ODE HDE  sing N N 126 
OMZ N   CA   sing N N 127 
OMZ CA  C    sing N N 128 
OMZ CA  CB   sing N N 129 
OMZ C   O    doub N N 130 
OMZ C   OXT  sing N N 131 
OMZ CL  CE1  sing N N 132 
OMZ CB  OC   sing N N 133 
OMZ CB  CG   sing N N 134 
OMZ CG  CD1  doub Y N 135 
OMZ CG  CD2  sing Y N 136 
OMZ CD1 CE1  sing Y N 137 
OMZ CD2 CE2  doub Y N 138 
OMZ CE1 CZ   doub Y N 139 
OMZ CE2 CZ   sing Y N 140 
OMZ CZ  OH   sing N N 141 
OMZ N   H    sing N N 142 
OMZ N   H2   sing N N 143 
OMZ CA  HA   sing N N 144 
OMZ CB  HB   sing N N 145 
OMZ OXT HXT  sing N N 146 
OMZ OC  HC   sing N N 147 
OMZ CD1 HD1  sing N N 148 
OMZ CD2 HD2  sing N N 149 
OMZ CE2 HE2  sing N N 150 
OMZ OH  HH   sing N N 151 
# 
_atom_sites.entry_id                    1GHG 
_atom_sites.fract_transf_matrix[1][1]   -0.00001863 
_atom_sites.fract_transf_matrix[1][2]   0.03354035 
_atom_sites.fract_transf_matrix[1][3]   -0.00506740 
_atom_sites.fract_transf_matrix[2][1]   -0.03332859 
_atom_sites.fract_transf_matrix[2][2]   -0.00096101 
_atom_sites.fract_transf_matrix[2][3]   -0.00623827 
_atom_sites.fract_transf_matrix[3][1]   -0.00250531 
_atom_sites.fract_transf_matrix[3][2]   0.00197487 
_atom_sites.fract_transf_matrix[3][3]   0.01308062 
_atom_sites.fract_transf_vector[1]      0.356398 
_atom_sites.fract_transf_vector[2]      0.344803 
_atom_sites.fract_transf_vector[3]      0.076271 
# 
loop_
_atom_type.symbol 
C  
CL 
N  
O  
S  
# 
loop_
_atom_site.group_PDB 
_atom_site.id 
_atom_site.type_symbol 
_atom_site.label_atom_id 
_atom_site.label_alt_id 
_atom_site.label_comp_id 
_atom_site.label_asym_id 
_atom_site.label_entity_id 
_atom_site.label_seq_id 
_atom_site.pdbx_PDB_ins_code 
_atom_site.Cartn_x 
_atom_site.Cartn_y 
_atom_site.Cartn_z 
_atom_site.occupancy 
_atom_site.B_iso_or_equiv 
_atom_site.pdbx_formal_charge 
_atom_site.auth_seq_id 
_atom_site.auth_comp_id 
_atom_site.auth_asym_id 
_atom_site.auth_atom_id 
_atom_site.pdbx_PDB_model_num 
HETATM 1   N  N   . MLU A 1 1 ? -3.752  6.364   4.171   1.00 11.35 ? 1    MLU A N   1 
HETATM 2   C  CN  . MLU A 1 1 ? -3.624  4.973   4.807   1.00 13.35 ? 1    MLU A CN  1 
HETATM 3   C  CA  . MLU A 1 1 ? -2.986  6.420   2.949   1.00 9.57  ? 1    MLU A CA  1 
HETATM 4   C  C   . MLU A 1 1 ? -3.588  5.470   1.976   1.00 10.09 ? 1    MLU A C   1 
HETATM 5   O  O   . MLU A 1 1 ? -4.790  5.272   1.994   1.00 15.49 ? 1    MLU A O   1 
HETATM 6   C  CB  . MLU A 1 1 ? -2.940  7.849   2.418   1.00 10.37 ? 1    MLU A CB  1 
HETATM 7   C  CG  . MLU A 1 1 ? -2.324  8.954   3.112   1.00 11.55 ? 1    MLU A CG  1 
HETATM 8   C  CD1 . MLU A 1 1 ? -2.407  10.246  2.402   1.00 16.03 ? 1    MLU A CD1 1 
HETATM 9   C  CD2 . MLU A 1 1 ? -0.991  8.638   3.592   1.00 11.29 ? 1    MLU A CD2 1 
HETATM 10  N  N   . OMZ A 1 2 ? -2.780  4.913   1.053   1.00 9.24  ? 2    OMZ A N   1 
HETATM 11  C  CA  . OMZ A 1 2 ? -3.367  4.208   -0.082  1.00 9.27  ? 2    OMZ A CA  1 
HETATM 12  C  C   . OMZ A 1 2 ? -3.200  4.834   -1.417  1.00 8.11  ? 2    OMZ A C   1 
HETATM 13  O  O   . OMZ A 1 2 ? -3.808  4.419   -2.399  1.00 10.04 ? 2    OMZ A O   1 
HETATM 14  C  CB  . OMZ A 1 2 ? -2.846  2.659   -0.122  1.00 9.68  ? 2    OMZ A CB  1 
HETATM 15  O  OC  . OMZ A 1 2 ? -3.007  2.166   1.166   1.00 10.69 ? 2    OMZ A OC  1 
HETATM 16  C  CG  . OMZ A 1 2 ? -1.480  2.625   -0.623  1.00 9.72  ? 2    OMZ A CG  1 
HETATM 17  C  CD1 . OMZ A 1 2 ? -1.252  2.370   -1.959  1.00 10.09 ? 2    OMZ A CD1 1 
HETATM 18  C  CD2 . OMZ A 1 2 ? -0.358  2.952   0.182   1.00 8.89  ? 2    OMZ A CD2 1 
HETATM 19  C  CE1 . OMZ A 1 2 ? 0.018   2.478   -2.487  1.00 9.86  ? 2    OMZ A CE1 1 
HETATM 20  CL CL  . OMZ A 1 2 ? 0.323   2.278   -4.158  1.00 12.23 ? 2    OMZ A CL  1 
HETATM 21  C  CE2 . OMZ A 1 2 ? 0.932   3.033   -0.319  1.00 9.79  ? 2    OMZ A CE2 1 
HETATM 22  C  CZ  . OMZ A 1 2 ? 1.091   2.801   -1.651  1.00 9.81  ? 2    OMZ A CZ  1 
HETATM 23  O  OH  . OMZ A 1 2 ? 2.366   2.927   -2.183  1.00 9.62  ? 2    OMZ A OH  1 
ATOM   24  N  N   . ASN A 1 3 ? -2.339  5.916   -1.516  1.00 8.29  ? 3    ASN A N   1 
ATOM   25  C  CA  . ASN A 1 3 ? -2.411  6.856   -2.651  1.00 8.59  ? 3    ASN A CA  1 
ATOM   26  C  C   . ASN A 1 3 ? -1.069  7.018   -3.381  1.00 7.96  ? 3    ASN A C   1 
ATOM   27  O  O   . ASN A 1 3 ? -0.991  6.917   -4.611  1.00 8.56  ? 3    ASN A O   1 
ATOM   28  C  CB  . ASN A 1 3 ? -2.861  8.215   -2.114  1.00 9.38  ? 3    ASN A CB  1 
ATOM   29  C  CG  . ASN A 1 3 ? -4.150  8.131   -1.346  1.00 8.68  ? 3    ASN A CG  1 
ATOM   30  O  OD1 . ASN A 1 3 ? -4.972  7.214   -1.544  1.00 9.77  ? 3    ASN A OD1 1 
ATOM   31  N  ND2 . ASN A 1 3 ? -4.354  9.113   -0.494  1.00 9.11  ? 3    ASN A ND2 1 
HETATM 32  N  N   . GHP A 1 4 ? -0.019  7.384   -2.603  1.00 8.19  ? 4    GHP A N   1 
HETATM 33  C  CA  . GHP A 1 4 ? 1.273   7.702   -3.153  1.00 7.27  ? 4    GHP A CA  1 
HETATM 34  C  C   . GHP A 1 4 ? 1.799   9.032   -2.557  1.00 7.57  ? 4    GHP A C   1 
HETATM 35  O  O   . GHP A 1 4 ? 1.513   9.372   -1.429  1.00 8.45  ? 4    GHP A O   1 
HETATM 36  C  C1  . GHP A 1 4 ? 2.319   6.552   -2.885  1.00 7.39  ? 4    GHP A C1  1 
HETATM 37  C  C2  . GHP A 1 4 ? 3.667   6.809   -2.858  1.00 8.39  ? 4    GHP A C2  1 
HETATM 38  C  C3  . GHP A 1 4 ? 4.547   5.790   -2.610  1.00 7.94  ? 4    GHP A C3  1 
HETATM 39  C  C4  . GHP A 1 4 ? 4.122   4.491   -2.400  1.00 8.67  ? 4    GHP A C4  1 
HETATM 40  O  O4  . GHP A 1 4 ? 5.010   3.465   -2.119  1.00 9.47  ? 4    GHP A O4  1 
HETATM 41  C  C5  . GHP A 1 4 ? 2.720   4.280   -2.416  1.00 8.68  ? 4    GHP A C5  1 
HETATM 42  C  C6  . GHP A 1 4 ? 1.827   5.297   -2.654  1.00 7.66  ? 4    GHP A C6  1 
HETATM 43  N  N   . GHP A 1 5 ? 2.538   9.749   -3.401  1.00 7.48  ? 5    GHP A N   1 
HETATM 44  C  CA  . GHP A 1 5 ? 3.409   10.813  -2.956  1.00 7.45  ? 5    GHP A CA  1 
HETATM 45  C  C   . GHP A 1 5 ? 4.565   10.869  -3.956  1.00 7.68  ? 5    GHP A C   1 
HETATM 46  O  O   . GHP A 1 5 ? 4.397   10.387  -5.056  1.00 8.43  ? 5    GHP A O   1 
HETATM 47  C  C1  . GHP A 1 5 ? 2.807   12.209  -2.906  1.00 7.82  ? 5    GHP A C1  1 
HETATM 48  C  C2  . GHP A 1 5 ? 2.982   12.964  -1.742  1.00 7.83  ? 5    GHP A C2  1 
HETATM 49  C  C3  . GHP A 1 5 ? 2.541   14.293  -1.738  1.00 8.14  ? 5    GHP A C3  1 
HETATM 50  C  C4  . GHP A 1 5 ? 1.817   14.799  -2.838  1.00 8.72  ? 5    GHP A C4  1 
HETATM 51  O  O4  . GHP A 1 5 ? 1.366   16.081  -2.812  1.00 10.38 ? 5    GHP A O4  1 
HETATM 52  C  C5  . GHP A 1 5 ? 1.617   14.016  -3.939  1.00 8.83  ? 5    GHP A C5  1 
HETATM 53  C  C6  . GHP A 1 5 ? 2.149   12.733  -3.979  1.00 8.02  ? 5    GHP A C6  1 
HETATM 54  N  N   . OMY A 1 6 ? 5.715   11.508  -3.645  1.00 8.50  ? 6    OMY A N   1 
HETATM 55  C  CA  . OMY A 1 6 ? 6.123   11.996  -2.348  1.00 8.10  ? 6    OMY A CA  1 
HETATM 56  O  OCZ . OMY A 1 6 ? 5.949   5.951   -2.547  1.00 8.70  ? 6    OMY A OCZ 1 
HETATM 57  C  CE2 . OMY A 1 6 ? 7.127   7.856   -3.274  1.00 8.80  ? 6    OMY A CE2 1 
HETATM 58  C  CE1 . OMY A 1 6 ? 6.136   7.897   -1.150  1.00 8.50  ? 6    OMY A CE1 1 
HETATM 59  C  CZ  . OMY A 1 6 ? 6.402   7.227   -2.351  1.00 8.00  ? 6    OMY A CZ  1 
HETATM 60  C  CG  . OMY A 1 6 ? 7.226   9.810   -1.981  1.00 8.68  ? 6    OMY A CG  1 
HETATM 61  C  CD2 . OMY A 1 6 ? 7.561   9.162   -3.120  1.00 8.36  ? 6    OMY A CD2 1 
HETATM 62  C  CD1 . OMY A 1 6 ? 6.523   9.196   -0.982  1.00 8.45  ? 6    OMY A CD1 1 
HETATM 63  C  CB  . OMY A 1 6 ? 7.415   11.355  -1.906  1.00 8.48  ? 6    OMY A CB  1 
HETATM 64  CL CL  . OMY A 1 6 ? 5.217   7.116   0.094   1.00 8.56  ? 6    OMY A CL  1 
HETATM 65  O  O   . OMY A 1 6 ? 6.293   14.091  -3.464  1.00 10.29 ? 6    OMY A O   1 
HETATM 66  C  C   . OMY A 1 6 ? 6.113   13.507  -2.414  1.00 8.34  ? 6    OMY A C   1 
HETATM 67  O  ODE . OMY A 1 6 ? 8.498   11.745  -2.738  1.00 9.27  ? 6    OMY A ODE 1 
HETATM 68  N  N   . 3FG A 1 7 ? 5.750   14.182  -1.306  1.00 9.58  ? 7    3FG A N   1 
HETATM 69  O  OD1 . 3FG A 1 7 ? 0.633   14.945  0.083   1.00 11.70 ? 7    3FG A OD1 1 
HETATM 70  C  CD1 . 3FG A 1 7 ? 1.856   15.430  0.372   1.00 9.07  ? 7    3FG A CD1 1 
HETATM 71  C  CG1 . 3FG A 1 7 ? 2.832   15.161  -0.523  1.00 8.68  ? 7    3FG A CG1 1 
HETATM 72  C  CZ  . 3FG A 1 7 ? 2.104   16.101  1.594   1.00 10.40 ? 7    3FG A CZ  1 
HETATM 73  C  CD2 . 3FG A 1 7 ? 3.343   16.578  1.803   1.00 10.32 ? 7    3FG A CD2 1 
HETATM 74  O  OD2 . 3FG A 1 7 ? 3.695   17.235  2.957   1.00 11.87 ? 7    3FG A OD2 1 
HETATM 75  C  CG2 . 3FG A 1 7 ? 4.355   16.333  0.921   1.00 10.33 ? 7    3FG A CG2 1 
HETATM 76  C  CB  . 3FG A 1 7 ? 4.097   15.677  -0.296  1.00 9.29  ? 7    3FG A CB  1 
HETATM 77  C  CA  . 3FG A 1 7 ? 5.205   15.523  -1.327  1.00 9.60  ? 7    3FG A CA  1 
HETATM 78  C  C   . 3FG A 1 7 ? 6.259   16.609  -1.238  1.00 10.36 ? 7    3FG A C   1 
HETATM 79  O  O   . 3FG A 1 7 ? 5.915   17.806  -1.409  1.00 12.17 ? 7    3FG A O   1 
HETATM 80  O  OXT . 3FG A 1 7 ? 7.496   16.273  -1.088  1.00 13.75 ? 7    3FG A OXT 1 
HETATM 81  N  N   . MLU B 1 1 ? 12.950  9.952   -13.600 1.00 12.23 ? 1    MLU B N   1 
HETATM 82  C  CN  . MLU B 1 1 ? 14.171  9.418   -12.724 1.00 14.44 ? 1    MLU B CN  1 
HETATM 83  C  CA  . MLU B 1 1 ? 11.798  10.341  -12.858 1.00 11.62 ? 1    MLU B CA  1 
HETATM 84  C  C   . MLU B 1 1 ? 12.249  11.115  -11.650 1.00 10.41 ? 1    MLU B C   1 
HETATM 85  O  O   . MLU B 1 1 ? 12.891  12.185  -11.809 1.00 12.74 ? 1    MLU B O   1 
HETATM 86  C  CB  . MLU B 1 1 ? 10.829  11.134  -13.684 1.00 12.14 ? 1    MLU B CB  1 
HETATM 87  C  CG  . MLU B 1 1 ? 10.193  10.507  -14.865 1.00 13.20 ? 1    MLU B CG  1 
HETATM 88  C  CD1 . MLU B 1 1 ? 9.301   11.514  -15.551 1.00 14.55 ? 1    MLU B CD1 1 
HETATM 89  C  CD2 . MLU B 1 1 ? 9.533   9.271   -14.494 1.00 17.20 ? 1    MLU B CD2 1 
HETATM 90  N  N   . OMZ B 1 2 ? 11.930  10.646  -10.464 1.00 10.03 ? 2    OMZ B N   1 
HETATM 91  C  CA  . OMZ B 1 2 ? 12.346  11.281  -9.205  1.00 9.73  ? 2    OMZ B CA  1 
HETATM 92  C  C   . OMZ B 1 2 ? 11.269  11.756  -8.320  1.00 9.52  ? 2    OMZ B C   1 
HETATM 93  O  O   . OMZ B 1 2 ? 11.507  12.442  -7.347  1.00 10.58 ? 2    OMZ B O   1 
HETATM 94  C  CB  . OMZ B 1 2 ? 13.347  10.391  -8.372  1.00 10.28 ? 2    OMZ B CB  1 
HETATM 95  O  OC  . OMZ B 1 2 ? 14.452  10.074  -9.184  1.00 11.82 ? 2    OMZ B OC  1 
HETATM 96  C  CG  . OMZ B 1 2 ? 12.623  9.188   -7.849  1.00 8.87  ? 2    OMZ B CG  1 
HETATM 97  C  CD1 . OMZ B 1 2 ? 12.089  9.182   -6.594  1.00 9.77  ? 2    OMZ B CD1 1 
HETATM 98  C  CD2 . OMZ B 1 2 ? 12.381  8.120   -8.706  1.00 9.50  ? 2    OMZ B CD2 1 
HETATM 99  C  CE1 . OMZ B 1 2 ? 11.299  8.191   -6.173  1.00 9.85  ? 2    OMZ B CE1 1 
HETATM 100 CL CL  . OMZ B 1 2 ? 10.628  8.188   -4.582  1.00 10.50 ? 2    OMZ B CL  1 
HETATM 101 C  CE2 . OMZ B 1 2 ? 11.557  7.078   -8.266  1.00 9.25  ? 2    OMZ B CE2 1 
HETATM 102 C  CZ  . OMZ B 1 2 ? 11.017  7.113   -7.056  1.00 9.01  ? 2    OMZ B CZ  1 
HETATM 103 O  OH  . OMZ B 1 2 ? 10.114  6.120   -6.689  1.00 8.70  ? 2    OMZ B OH  1 
ATOM   104 N  N   . ASN B 1 3 ? 9.968   11.401  -8.673  1.00 9.13  ? 3    ASN B N   1 
ATOM   105 C  CA  . ASN B 1 3 ? 8.857   12.133  -8.097  1.00 9.61  ? 3    ASN B CA  1 
ATOM   106 C  C   . ASN B 1 3 ? 7.922   11.206  -7.335  1.00 8.43  ? 3    ASN B C   1 
ATOM   107 O  O   . ASN B 1 3 ? 7.675   11.441  -6.131  1.00 10.47 ? 3    ASN B O   1 
ATOM   108 C  CB  . ASN B 1 3 ? 8.071   12.884  -9.165  1.00 11.87 ? 3    ASN B CB  1 
ATOM   109 C  CG  . ASN B 1 3 ? 9.034   13.731  -9.973  1.00 13.97 ? 3    ASN B CG  1 
ATOM   110 O  OD1 . ASN B 1 3 ? 9.943   14.406  -9.429  1.00 16.78 ? 3    ASN B OD1 1 
ATOM   111 N  ND2 . ASN B 1 3 ? 8.842   13.615  -11.258 1.00 14.55 ? 3    ASN B ND2 1 
HETATM 112 N  N   . GHP B 1 4 ? 7.345   10.214  -7.990  1.00 8.10  ? 4    GHP B N   1 
HETATM 113 C  CA  . GHP B 1 4 ? 6.356   9.310   -7.387  1.00 7.68  ? 4    GHP B CA  1 
HETATM 114 C  C   . GHP B 1 4 ? 5.099   9.187   -8.304  1.00 7.96  ? 4    GHP B C   1 
HETATM 115 O  O   . GHP B 1 4 ? 5.247   9.037   -9.516  1.00 8.70  ? 4    GHP B O   1 
HETATM 116 C  C1  . GHP B 1 4 ? 6.873   7.917   -7.077  1.00 8.21  ? 4    GHP B C1  1 
HETATM 117 C  C2  . GHP B 1 4 ? 6.025   6.888   -6.801  1.00 8.37  ? 4    GHP B C2  1 
HETATM 118 C  C3  . GHP B 1 4 ? 6.509   5.629   -6.570  1.00 8.04  ? 4    GHP B C3  1 
HETATM 119 C  C4  . GHP B 1 4 ? 7.909   5.358   -6.480  1.00 8.33  ? 4    GHP B C4  1 
HETATM 120 O  O4  . GHP B 1 4 ? 8.388   4.144   -6.138  1.00 9.74  ? 4    GHP B O4  1 
HETATM 121 C  C5  . GHP B 1 4 ? 8.736   6.416   -6.754  1.00 7.86  ? 4    GHP B C5  1 
HETATM 122 C  C6  . GHP B 1 4 ? 8.232   7.684   -7.089  1.00 8.29  ? 4    GHP B C6  1 
HETATM 123 N  N   . GHP B 1 5 ? 3.916   9.218   -7.659  1.00 7.83  ? 5    GHP B N   1 
HETATM 124 C  CA  . GHP B 1 5 ? 2.710   8.714   -8.284  1.00 7.71  ? 5    GHP B CA  1 
HETATM 125 C  C   . GHP B 1 5 ? 1.850   8.232   -7.093  1.00 7.69  ? 5    GHP B C   1 
HETATM 126 O  O   . GHP B 1 5 ? 2.080   8.676   -5.991  1.00 8.29  ? 5    GHP B O   1 
HETATM 127 C  C1  . GHP B 1 5 ? 1.819   9.689   -9.055  1.00 8.02  ? 5    GHP B C1  1 
HETATM 128 C  C2  . GHP B 1 5 ? 1.352   9.315   -10.297 1.00 8.51  ? 5    GHP B C2  1 
HETATM 129 C  C3  . GHP B 1 5 ? 0.382   10.071  -10.956 1.00 8.54  ? 5    GHP B C3  1 
HETATM 130 C  C4  . GHP B 1 5 ? -0.018  11.263  -10.366 1.00 9.53  ? 5    GHP B C4  1 
HETATM 131 O  O4  . GHP B 1 5 ? -0.961  12.093  -10.996 1.00 11.01 ? 5    GHP B O4  1 
HETATM 132 C  C5  . GHP B 1 5 ? 0.499   11.712  -9.198  1.00 10.24 ? 5    GHP B C5  1 
HETATM 133 C  C6  . GHP B 1 5 ? 1.411   10.882  -8.512  1.00 9.63  ? 5    GHP B C6  1 
HETATM 134 N  N   . OMY B 1 6 ? 0.835   7.396   -7.301  1.00 7.79  ? 6    OMY B N   1 
HETATM 135 C  CA  . OMY B 1 6 ? 0.500   6.649   -8.512  1.00 7.89  ? 6    OMY B CA  1 
HETATM 136 O  OCZ . OMY B 1 6 ? 5.732   4.491   -6.312  1.00 9.15  ? 6    OMY B OCZ 1 
HETATM 137 C  CE2 . OMY B 1 6 ? 3.419   4.686   -5.904  1.00 9.30  ? 6    OMY B CE2 1 
HETATM 138 C  CE1 . OMY B 1 6 ? 4.175   4.484   -8.150  1.00 9.09  ? 6    OMY B CE1 1 
HETATM 139 C  CZ  . OMY B 1 6 ? 4.413   4.528   -6.761  1.00 8.26  ? 6    OMY B CZ  1 
HETATM 140 C  CG  . OMY B 1 6 ? 1.877   4.779   -7.693  1.00 8.18  ? 6    OMY B CG  1 
HETATM 141 C  CD2 . OMY B 1 6 ? 2.099   4.755   -6.367  1.00 8.71  ? 6    OMY B CD2 1 
HETATM 142 C  CD1 . OMY B 1 6 ? 2.877   4.629   -8.606  1.00 8.64  ? 6    OMY B CD1 1 
HETATM 143 C  CB  . OMY B 1 6 ? 0.458   5.132   -8.209  1.00 8.04  ? 6    OMY B CB  1 
HETATM 144 CL CL  . OMY B 1 6 ? 5.482   4.277   -9.251  1.00 11.72 ? 6    OMY B CL  1 
HETATM 145 O  O   . OMY B 1 6 ? -1.692  7.599   -8.310  1.00 9.04  ? 6    OMY B O   1 
HETATM 146 C  C   . OMY B 1 6 ? -0.804  7.224   -9.070  1.00 7.69  ? 6    OMY B C   1 
HETATM 147 O  ODE . OMY B 1 6 ? -0.548  4.923   -7.269  1.00 8.41  ? 6    OMY B ODE 1 
HETATM 148 N  N   . 3FG B 1 7 ? -0.844  7.286   -10.400 1.00 8.34  ? 7    3FG B N   1 
HETATM 149 O  OD1 . 3FG B 1 7 ? 1.419   10.936  -13.360 1.00 11.65 ? 7    3FG B OD1 1 
HETATM 150 C  CD1 . 3FG B 1 7 ? 0.389   10.053  -13.452 1.00 10.09 ? 7    3FG B CD1 1 
HETATM 151 C  CG1 . 3FG B 1 7 ? -0.120  9.593   -12.275 1.00 9.17  ? 7    3FG B CG1 1 
HETATM 152 C  CZ  . 3FG B 1 7 ? -0.068  9.598   -14.712 1.00 10.64 ? 7    3FG B CZ  1 
HETATM 153 C  CD2 . 3FG B 1 7 ? -1.096  8.665   -14.742 1.00 10.58 ? 7    3FG B CD2 1 
HETATM 154 O  OD2 . 3FG B 1 7 ? -1.538  8.272   -15.992 1.00 12.05 ? 7    3FG B OD2 1 
HETATM 155 C  CG2 . 3FG B 1 7 ? -1.609  8.221   -13.596 1.00 9.41  ? 7    3FG B CG2 1 
HETATM 156 C  CB  . 3FG B 1 7 ? -1.219  8.652   -12.353 1.00 9.07  ? 7    3FG B CB  1 
HETATM 157 C  CA  . 3FG B 1 7 ? -1.802  8.170   -11.065 1.00 8.50  ? 7    3FG B CA  1 
HETATM 158 C  C   . 3FG B 1 7 ? -3.123  7.411   -11.291 1.00 8.41  ? 7    3FG B C   1 
HETATM 159 O  O   . 3FG B 1 7 ? -3.211  6.183   -11.089 1.00 9.50  ? 7    3FG B O   1 
HETATM 160 O  OXT . 3FG B 1 7 ? -4.130  8.140   -11.609 1.00 9.46  ? 7    3FG B OXT 1 
HETATM 161 N  N   . MLU C 1 1 ? -4.989  -19.442 -2.377  1.00 8.62  ? 1    MLU C N   1 
HETATM 162 C  CN  . MLU C 1 1 ? -4.502  -19.451 -3.788  1.00 9.47  ? 1    MLU C CN  1 
HETATM 163 C  CA  . MLU C 1 1 ? -4.381  -18.530 -1.412  1.00 8.27  ? 1    MLU C CA  1 
HETATM 164 C  C   . MLU C 1 1 ? -5.010  -18.746 -0.106  1.00 8.09  ? 1    MLU C C   1 
HETATM 165 O  O   . MLU C 1 1 ? -5.120  -19.922 0.307   1.00 8.74  ? 1    MLU C O   1 
HETATM 166 C  CB  . MLU C 1 1 ? -2.855  -18.887 -1.307  1.00 9.45  ? 1    MLU C CB  1 
HETATM 167 C  CG  . MLU C 1 1 ? -2.005  -18.004 -0.539  1.00 9.42  ? 1    MLU C CG  1 
HETATM 168 C  CD1 . MLU C 1 1 ? -1.858  -16.638 -1.092  1.00 10.60 ? 1    MLU C CD1 1 
HETATM 169 C  CD2 . MLU C 1 1 ? -0.757  -18.619 -0.104  1.00 10.30 ? 1    MLU C CD2 1 
HETATM 170 N  N   . OMZ C 1 2 ? -5.407  -17.696 0.625   1.00 7.56  ? 2    OMZ C N   1 
HETATM 171 C  CA  . OMZ C 1 2 ? -6.017  -17.893 1.950   1.00 8.12  ? 2    OMZ C CA  1 
HETATM 172 C  C   . OMZ C 1 2 ? -5.471  -17.028 3.043   1.00 7.75  ? 2    OMZ C C   1 
HETATM 173 O  O   . OMZ C 1 2 ? -5.873  -17.202 4.185   1.00 9.14  ? 2    OMZ C O   1 
HETATM 174 C  CB  . OMZ C 1 2 ? -7.622  -17.833 1.881   1.00 8.76  ? 2    OMZ C CB  1 
HETATM 175 O  OC  . OMZ C 1 2 ? -8.071  -18.607 0.852   1.00 10.22 ? 2    OMZ C OC  1 
HETATM 176 C  CG  . OMZ C 1 2 ? -8.048  -16.398 1.785   1.00 8.23  ? 2    OMZ C CG  1 
HETATM 177 C  CD1 . OMZ C 1 2 ? -8.477  -15.695 2.882   1.00 8.65  ? 2    OMZ C CD1 1 
HETATM 178 C  CD2 . OMZ C 1 2 ? -8.002  -15.732 0.588   1.00 8.30  ? 2    OMZ C CD2 1 
HETATM 179 C  CE1 . OMZ C 1 2 ? -8.763  -14.367 2.859   1.00 8.66  ? 2    OMZ C CE1 1 
HETATM 180 CL CL  . OMZ C 1 2 ? -9.282  -13.562 4.248   1.00 9.60  ? 2    OMZ C CL  1 
HETATM 181 C  CE2 . OMZ C 1 2 ? -8.283  -14.362 0.545   1.00 8.65  ? 2    OMZ C CE2 1 
HETATM 182 C  CZ  . OMZ C 1 2 ? -8.575  -13.708 1.648   1.00 8.19  ? 2    OMZ C CZ  1 
HETATM 183 O  OH  . OMZ C 1 2 ? -8.756  -12.322 1.581   1.00 8.20  ? 2    OMZ C OH  1 
ATOM   184 N  N   . ASN C 1 3 ? -4.440  -16.200 2.759   1.00 7.86  ? 3    ASN C N   1 
ATOM   185 C  CA  . ASN C 1 3 ? -3.603  -15.615 3.803   1.00 7.56  ? 3    ASN C CA  1 
ATOM   186 C  C   . ASN C 1 3 ? -4.015  -14.199 4.182   1.00 7.43  ? 3    ASN C C   1 
ATOM   187 O  O   . ASN C 1 3 ? -4.294  -13.925 5.341   1.00 8.85  ? 3    ASN C O   1 
ATOM   188 C  CB  . ASN C 1 3 ? -2.161  -15.695 3.456   1.00 8.16  ? 3    ASN C CB  1 
ATOM   189 C  CG  . ASN C 1 3 ? -1.541  -17.037 3.510   1.00 8.61  ? 3    ASN C CG  1 
ATOM   190 O  OD1 . ASN C 1 3 ? -2.274  -18.066 3.568   1.00 10.45 ? 3    ASN C OD1 1 
ATOM   191 N  ND2 . ASN C 1 3 ? -0.255  -17.122 3.332   1.00 9.19  ? 3    ASN C ND2 1 
HETATM 192 N  N   . GHP C 1 4 ? -3.973  -13.336 3.197   1.00 7.54  ? 4    GHP C N   1 
HETATM 193 C  CA  . GHP C 1 4 ? -4.157  -11.849 3.389   1.00 7.41  ? 4    GHP C CA  1 
HETATM 194 C  C   . GHP C 1 4 ? -3.012  -11.103 2.735   1.00 8.04  ? 4    GHP C C   1 
HETATM 195 O  O   . GHP C 1 4 ? -2.726  -11.305 1.540   1.00 8.62  ? 4    GHP C O   1 
HETATM 196 C  C1  . GHP C 1 4 ? -5.457  -11.306 2.754   1.00 7.75  ? 4    GHP C C1  1 
HETATM 197 C  C2  . GHP C 1 4 ? -5.524  -9.959  2.590   1.00 7.90  ? 4    GHP C C2  1 
HETATM 198 C  C3  . GHP C 1 4 ? -6.683  -9.423  2.069   1.00 7.79  ? 4    GHP C C3  1 
HETATM 199 C  C4  . GHP C 1 4 ? -7.805  -10.196 1.738   1.00 8.23  ? 4    GHP C C4  1 
HETATM 200 O  O4  . GHP C 1 4 ? -8.979  -9.696  1.301   1.00 10.21 ? 4    GHP C O4  1 
HETATM 201 C  C5  . GHP C 1 4 ? -7.641  -11.594 1.929   1.00 7.37  ? 4    GHP C C5  1 
HETATM 202 C  C6  . GHP C 1 4 ? -6.483  -12.151 2.406   1.00 7.26  ? 4    GHP C C6  1 
HETATM 203 N  N   . GHP C 1 5 ? -2.347  -10.234 3.514   1.00 8.31  ? 5    GHP C N   1 
HETATM 204 C  CA  . GHP C 1 5 ? -1.499  -9.291  2.912   1.00 8.65  ? 5    GHP C CA  1 
HETATM 205 C  C   . GHP C 1 5 ? -1.549  -8.012  3.765   1.00 8.85  ? 5    GHP C C   1 
HETATM 206 O  O   . GHP C 1 5 ? -1.850  -8.086  4.964   1.00 9.51  ? 5    GHP C O   1 
HETATM 207 C  C1  . GHP C 1 5 ? -0.042  -9.647  2.630   1.00 8.61  ? 5    GHP C C1  1 
HETATM 208 C  C2  . GHP C 1 5 ? 0.441   -9.594  1.376   1.00 8.46  ? 5    GHP C C2  1 
HETATM 209 C  C3  . GHP C 1 5 ? 1.793   -9.722  1.022   1.00 9.14  ? 5    GHP C C3  1 
HETATM 210 C  C4  . GHP C 1 5 ? 2.641   -10.090 2.014   1.00 9.54  ? 5    GHP C C4  1 
HETATM 211 O  O4  . GHP C 1 5 ? 3.957   -10.340 1.687   1.00 10.46 ? 5    GHP C O4  1 
HETATM 212 C  C5  . GHP C 1 5 ? 2.180   -10.318 3.316   1.00 9.28  ? 5    GHP C C5  1 
HETATM 213 C  C6  . GHP C 1 5 ? 0.857   -10.040 3.627   1.00 9.76  ? 5    GHP C C6  1 
HETATM 214 N  N   . OMY C 1 6 ? -1.220  -6.847  3.205   1.00 9.80  ? 6    OMY C N   1 
HETATM 215 C  CA  . OMY C 1 6 ? -0.985  -6.593  1.781   1.00 9.65  ? 6    OMY C CA  1 
HETATM 216 O  OCZ . OMY C 1 6 ? -6.880  -8.035  1.798   1.00 9.21  ? 6    OMY C OCZ 1 
HETATM 217 C  CE2 . OMY C 1 6 ? -5.291  -6.419  2.608   1.00 9.91  ? 6    OMY C CE2 1 
HETATM 218 C  CE1 . OMY C 1 6 ? -4.946  -7.449  0.507   1.00 9.72  ? 6    OMY C CE1 1 
HETATM 219 C  CZ  . OMY C 1 6 ? -5.680  -7.299  1.672   1.00 9.01  ? 6    OMY C CZ  1 
HETATM 220 C  CG  . OMY C 1 6 ? -3.300  -5.957  1.364   1.00 9.80  ? 6    OMY C CG  1 
HETATM 221 C  CD2 . OMY C 1 6 ? -4.074  -5.687  2.454   1.00 9.70  ? 6    OMY C CD2 1 
HETATM 222 C  CD1 . OMY C 1 6 ? -3.756  -6.769  0.354   1.00 9.86  ? 6    OMY C CD1 1 
HETATM 223 C  CB  . OMY C 1 6 ? -1.833  -5.443  1.274   1.00 9.37  ? 6    OMY C CB  1 
HETATM 224 CL CL  . OMY C 1 6 ? -5.478  -8.543  -0.768  1.00 10.91 ? 6    OMY C CL  1 
HETATM 225 O  O   . OMY C 1 6 ? 1.258   -6.101  2.514   1.00 11.67 ? 6    OMY C O   1 
HETATM 226 C  C   . OMY C 1 6 ? 0.530   -6.398  1.574   1.00 10.54 ? 6    OMY C C   1 
HETATM 227 O  ODE . OMY C 1 6 ? -1.687  -4.295  2.051   1.00 11.79 ? 6    OMY C ODE 1 
HETATM 228 N  N   . 3FG C 1 7 ? 0.977   -6.733  0.341   1.00 9.92  ? 7    3FG C N   1 
HETATM 229 O  OD1 . 3FG C 1 7 ? 2.077   -11.805 -0.900  1.00 12.44 ? 7    3FG C OD1 1 
HETATM 230 C  CD1 . 3FG C 1 7 ? 2.182   -10.521 -1.318  1.00 10.67 ? 7    3FG C CD1 1 
HETATM 231 C  CG1 . 3FG C 1 7 ? 2.193   -9.523  -0.394  1.00 9.71  ? 7    3FG C CG1 1 
HETATM 232 C  CZ  . 3FG C 1 7 ? 2.533   -10.330 -2.648  1.00 10.59 ? 7    3FG C CZ  1 
HETATM 233 C  CD2 . 3FG C 1 7 ? 2.764   -9.049  -3.095  1.00 10.97 ? 7    3FG C CD2 1 
HETATM 234 O  OD2 . 3FG C 1 7 ? 2.965   -8.794  -4.415  1.00 11.68 ? 7    3FG C OD2 1 
HETATM 235 C  CG2 . 3FG C 1 7 ? 2.717   -8.032  -2.212  1.00 10.43 ? 7    3FG C CG2 1 
HETATM 236 C  CB  . 3FG C 1 7 ? 2.436   -8.174  -0.889  1.00 9.75  ? 7    3FG C CB  1 
HETATM 237 C  CA  . 3FG C 1 7 ? 2.364   -7.023  0.092   1.00 10.03 ? 7    3FG C CA  1 
HETATM 238 C  C   . 3FG C 1 7 ? 3.199   -5.816  -0.333  1.00 11.43 ? 7    3FG C C   1 
HETATM 239 O  O   . 3FG C 1 7 ? 2.569   -4.709  -0.523  1.00 13.69 ? 7    3FG C O   1 
HETATM 240 O  OXT . 3FG C 1 7 ? 4.451   -5.995  -0.509  1.00 13.96 ? 7    3FG C OXT 1 
HETATM 241 N  N   . MLU D 1 1 ? -6.686  1.113   11.976  1.00 18.55 ? 1    MLU D N   1 
HETATM 242 C  CN  . MLU D 1 1 ? -7.969  1.162   11.017  1.00 22.83 ? 1    MLU D CN  1 
HETATM 243 C  CA  . MLU D 1 1 ? -5.744  0.102   11.633  1.00 14.63 ? 1    MLU D CA  1 
HETATM 244 C  C   . MLU D 1 1 ? -5.376  0.565   10.280  1.00 11.78 ? 1    MLU D C   1 
HETATM 245 O  O   . MLU D 1 1 ? -4.840  1.715   10.182  1.00 15.52 ? 1    MLU D O   1 
HETATM 246 C  CB  . MLU D 1 1 ? -4.523  0.156   12.477  1.00 16.09 ? 1    MLU D CB  1 
HETATM 247 C  CG  . MLU D 1 1 ? -3.330  -0.707  12.046  1.00 10.68 ? 1    MLU D CG  1 
HETATM 248 C  CD1 . MLU D 1 1 ? -3.739  -2.152  12.120  1.00 14.43 ? 1    MLU D CD1 1 
HETATM 249 C  CD2 . MLU D 1 1 ? -2.211  -0.293  12.832  1.00 15.87 ? 1    MLU D CD2 1 
HETATM 250 N  N   . OMZ D 1 2 ? -5.537  -0.237  9.231   1.00 11.94 ? 2    OMZ D N   1 
HETATM 251 C  CA  . OMZ D 1 2 ? -5.075  0.192   7.885   1.00 13.32 ? 2    OMZ D CA  1 
HETATM 252 C  C   . OMZ D 1 2 ? -4.135  -0.703  7.134   1.00 12.25 ? 2    OMZ D C   1 
HETATM 253 O  O   . OMZ D 1 2 ? -3.588  -0.401  6.100   1.00 13.99 ? 2    OMZ D O   1 
HETATM 254 C  CB  . OMZ D 1 2 ? -6.357  0.609   7.006   1.00 15.48 ? 2    OMZ D CB  1 
HETATM 255 O  OC  . OMZ D 1 2 ? -7.139  1.452   7.805   1.00 17.06 ? 2    OMZ D OC  1 
HETATM 256 C  CG  . OMZ D 1 2 ? -7.054  -0.575  6.451   1.00 14.44 ? 2    OMZ D CG  1 
HETATM 257 C  CD1 . OMZ D 1 2 ? -6.676  -1.047  5.218   1.00 14.73 ? 2    OMZ D CD1 1 
HETATM 258 C  CD2 . OMZ D 1 2 ? -7.925  -1.280  7.267   1.00 14.06 ? 2    OMZ D CD2 1 
HETATM 259 C  CE1 . OMZ D 1 2 ? -7.178  -2.181  4.710   1.00 13.58 ? 2    OMZ D CE1 1 
HETATM 260 CL CL  . OMZ D 1 2 ? -6.678  -2.834  3.178   1.00 17.95 ? 2    OMZ D CL  1 
HETATM 261 C  CE2 . OMZ D 1 2 ? -8.512  -2.436  6.688   1.00 12.50 ? 2    OMZ D CE2 1 
HETATM 262 C  CZ  . OMZ D 1 2 ? -8.061  -2.937  5.513   1.00 12.49 ? 2    OMZ D CZ  1 
HETATM 263 O  OH  . OMZ D 1 2 ? -8.607  -4.121  5.071   1.00 12.67 ? 2    OMZ D OH  1 
ATOM   264 N  N   . ASN D 1 3 ? -3.938  -1.929  7.676   1.00 11.08 ? 3    ASN D N   1 
ATOM   265 C  CA  . ASN D 1 3 ? -2.887  -2.827  7.249   1.00 11.02 ? 3    ASN D CA  1 
ATOM   266 C  C   . ASN D 1 3 ? -3.315  -4.030  6.437   1.00 11.29 ? 3    ASN D C   1 
ATOM   267 O  O   . ASN D 1 3 ? -2.939  -4.231  5.305   1.00 12.74 ? 3    ASN D O   1 
ATOM   268 C  CB  . ASN D 1 3 ? -2.035  -3.262  8.405   1.00 10.92 ? 3    ASN D CB  1 
ATOM   269 C  CG  . ASN D 1 3 ? -1.054  -2.168  8.773   1.00 11.76 ? 3    ASN D CG  1 
ATOM   270 O  OD1 . ASN D 1 3 ? -1.378  -1.003  8.880   1.00 16.81 ? 3    ASN D OD1 1 
ATOM   271 N  ND2 . ASN D 1 3 ? 0.161   -2.519  9.100   1.00 12.46 ? 3    ASN D ND2 1 
HETATM 272 N  N   . GHP D 1 4 ? -4.059  -4.919  7.108   1.00 9.53  ? 4    GHP D N   1 
HETATM 273 C  CA  . GHP D 1 4 ? -4.382  -6.237  6.523   1.00 8.74  ? 4    GHP D CA  1 
HETATM 274 C  C   . GHP D 1 4 ? -4.177  -7.272  7.647   1.00 8.32  ? 4    GHP D C   1 
HETATM 275 O  O   . GHP D 1 4 ? -4.721  -7.106  8.742   1.00 8.99  ? 4    GHP D O   1 
HETATM 276 C  C1  . GHP D 1 4 ? -5.823  -6.315  6.030   1.00 8.28  ? 4    GHP D C1  1 
HETATM 277 C  C2  . GHP D 1 4 ? -6.396  -7.565  5.823   1.00 8.01  ? 4    GHP D C2  1 
HETATM 278 C  C3  . GHP D 1 4 ? -7.721  -7.601  5.491   1.00 8.22  ? 4    GHP D C3  1 
HETATM 279 C  C4  . GHP D 1 4 ? -8.483  -6.453  5.203   1.00 9.29  ? 4    GHP D C4  1 
HETATM 280 O  O4  . GHP D 1 4 ? -9.774  -6.537  4.828   1.00 11.24 ? 4    GHP D O4  1 
HETATM 281 C  C5  . GHP D 1 4 ? -7.825  -5.249  5.373   1.00 10.01 ? 4    GHP D C5  1 
HETATM 282 C  C6  . GHP D 1 4 ? -6.558  -5.161  5.795   1.00 9.99  ? 4    GHP D C6  1 
HETATM 283 N  N   . GHP D 1 5 ? -3.587  -8.406  7.270   1.00 8.33  ? 5    GHP D N   1 
HETATM 284 C  CA  . GHP D 1 5 ? -3.656  -9.546  8.090   1.00 8.08  ? 5    GHP D CA  1 
HETATM 285 C  C   . GHP D 1 5 ? -3.680  -10.846 7.249   1.00 8.02  ? 5    GHP D C   1 
HETATM 286 O  O   . GHP D 1 5 ? -3.097  -10.795 6.157   1.00 9.55  ? 5    GHP D O   1 
HETATM 287 C  C1  . GHP D 1 5 ? -2.550  -9.716  9.135   1.00 7.82  ? 5    GHP D C1  1 
HETATM 288 C  C2  . GHP D 1 5 ? -2.923  -9.923  10.456  1.00 8.14  ? 5    GHP D C2  1 
HETATM 289 C  C3  . GHP D 1 5 ? -1.997  -10.275 11.417  1.00 8.07  ? 5    GHP D C3  1 
HETATM 290 C  C4  . GHP D 1 5 ? -0.661  -10.340 11.020  1.00 8.06  ? 5    GHP D C4  1 
HETATM 291 O  O4  . GHP D 1 5 ? 0.249   -10.633 12.009  1.00 9.64  ? 5    GHP D O4  1 
HETATM 292 C  C5  . GHP D 1 5 ? -0.299  -10.034 9.723   1.00 8.55  ? 5    GHP D C5  1 
HETATM 293 C  C6  . GHP D 1 5 ? -1.234  -9.754  8.792   1.00 8.42  ? 5    GHP D C6  1 
HETATM 294 N  N   . OMY D 1 6 ? -4.212  -11.907 7.721   1.00 7.88  ? 6    OMY D N   1 
HETATM 295 C  CA  . OMY D 1 6 ? -4.951  -12.116 8.967   1.00 7.75  ? 6    OMY D CA  1 
HETATM 296 O  OCZ . OMY D 1 6 ? -8.460  -8.802  5.328   1.00 8.73  ? 6    OMY D OCZ 1 
HETATM 297 C  CE2 . OMY D 1 6 ? -7.512  -10.953 5.657   1.00 8.04  ? 6    OMY D CE2 1 
HETATM 298 C  CE1 . OMY D 1 6 ? -8.073  -9.689  7.562   1.00 7.98  ? 6    OMY D CE1 1 
HETATM 299 C  CZ  . OMY D 1 6 ? -8.004  -9.829  6.165   1.00 8.31  ? 6    OMY D CZ  1 
HETATM 300 C  CG  . OMY D 1 6 ? -7.056  -11.816 7.793   1.00 7.70  ? 6    OMY D CG  1 
HETATM 301 C  CD2 . OMY D 1 6 ? -7.040  -12.019 6.435   1.00 8.15  ? 6    OMY D CD2 1 
HETATM 302 C  CD1 . OMY D 1 6 ? -7.607  -10.684 8.381   1.00 7.54  ? 6    OMY D CD1 1 
HETATM 303 C  CB  . OMY D 1 6 ? -6.286  -12.812 8.744   1.00 7.53  ? 6    OMY D CB  1 
HETATM 304 CL CL  . OMY D 1 6 ? -8.728  -8.247  8.266   1.00 9.16  ? 6    OMY D CL  1 
HETATM 305 O  O   . OMY D 1 6 ? -3.080  -13.595 9.482   1.00 8.98  ? 6    OMY D O   1 
HETATM 306 C  C   . OMY D 1 6 ? -3.966  -12.900 9.902   1.00 7.66  ? 6    OMY D C   1 
HETATM 307 O  ODE . OMY D 1 6 ? -6.172  -14.057 8.181   1.00 8.39  ? 6    OMY D ODE 1 
HETATM 308 N  N   . 3FG D 1 7 ? -4.112  -12.640 11.232  1.00 8.15  ? 7    3FG D N   1 
HETATM 309 O  OD1 . 3FG D 1 7 ? -1.898  -8.316  13.477  1.00 9.63  ? 7    3FG D OD1 1 
HETATM 310 C  CD1 . 3FG D 1 7 ? -2.422  -9.607  13.745  1.00 8.22  ? 7    3FG D CD1 1 
HETATM 311 C  CG1 . 3FG D 1 7 ? -2.434  -10.569 12.786  1.00 7.69  ? 7    3FG D CG1 1 
HETATM 312 C  CZ  . 3FG D 1 7 ? -2.836  -9.787  15.032  1.00 8.35  ? 7    3FG D CZ  1 
HETATM 313 C  CD2 . 3FG D 1 7 ? -3.342  -11.041 15.398  1.00 8.12  ? 7    3FG D CD2 1 
HETATM 314 O  OD2 . 3FG D 1 7 ? -3.753  -11.292 16.673  1.00 8.39  ? 7    3FG D OD2 1 
HETATM 315 C  CG2 . 3FG D 1 7 ? -3.407  -12.045 14.467  1.00 7.98  ? 7    3FG D CG2 1 
HETATM 316 C  CB  . 3FG D 1 7 ? -2.938  -11.854 13.166  1.00 7.70  ? 7    3FG D CB  1 
HETATM 317 C  CA  . 3FG D 1 7 ? -3.036  -12.890 12.113  1.00 8.10  ? 7    3FG D CA  1 
HETATM 318 C  C   . 3FG D 1 7 ? -3.105  -14.289 12.776  1.00 9.07  ? 7    3FG D C   1 
HETATM 319 O  O   . 3FG D 1 7 ? -4.092  -15.037 12.648  1.00 9.53  ? 7    3FG D O   1 
HETATM 320 O  OXT . 3FG D 1 7 ? -2.036  -14.644 13.380  1.00 9.43  ? 7    3FG D OXT 1 
HETATM 321 C  C   . ACY E 2 . ? 0.365   6.403   0.968   1.00 8.25  ? 11   ACY A C   1 
HETATM 322 O  O   . ACY E 2 . ? -0.014  5.625   1.910   1.00 9.34  ? 11   ACY A O   1 
HETATM 323 O  OXT . ACY E 2 . ? -0.425  6.867   0.117   1.00 8.63  ? 11   ACY A OXT 1 
HETATM 324 C  CH3 . ACY E 2 . ? 1.812   6.728   0.857   1.00 9.04  ? 11   ACY A CH3 1 
HETATM 325 C  C   . ACY F 2 . ? 9.126   8.563   -10.801 1.00 16.52 ? 11   ACY B C   1 
HETATM 326 O  O   . ACY F 2 . ? 10.446  8.416   -10.739 1.00 20.28 ? 11   ACY B O   1 
HETATM 327 O  OXT . ACY F 2 . ? 8.710   9.712   -10.535 1.00 11.21 ? 11   ACY B OXT 1 
HETATM 328 C  CH3 . ACY F 2 . ? 8.290   7.401   -11.168 1.00 22.26 ? 11   ACY B CH3 1 
HETATM 329 C  C   . ACY G 2 . ? -4.466  -14.254 -0.215  1.00 8.53  ? 11   ACY C C   1 
HETATM 330 O  O   . ACY G 2 . ? -5.316  -15.141 -0.557  1.00 8.51  ? 11   ACY C O   1 
HETATM 331 O  OXT . ACY G 2 . ? -3.552  -14.523 0.631   1.00 8.41  ? 11   ACY C OXT 1 
HETATM 332 C  CH3 . ACY G 2 . ? -4.511  -12.928 -0.825  1.00 9.92  ? 11   ACY C CH3 1 
HETATM 333 S  S   . DMS H 3 . ? -0.790  -9.272  -1.926  1.00 15.78 ? 12   DMS C S   1 
HETATM 334 O  O   . DMS H 3 . ? -0.979  -7.848  -1.442  1.00 12.21 ? 12   DMS C O   1 
HETATM 335 C  C1  . DMS H 3 . ? -2.203  -10.210 -1.718  1.00 23.40 ? 12   DMS C C1  1 
HETATM 336 C  C2  . DMS H 3 . ? -0.611  -9.135  -3.624  1.00 18.70 ? 12   DMS C C2  1 
HETATM 337 C  C   . ACY I 2 . ? -6.419  -3.609  9.768   1.00 11.18 ? 11   ACY D C   1 
HETATM 338 O  O   . ACY I 2 . ? -7.015  -2.545  10.111  1.00 10.11 ? 11   ACY D O   1 
HETATM 339 O  OXT . ACY I 2 . ? -5.215  -3.667  9.478   1.00 11.65 ? 11   ACY D OXT 1 
HETATM 340 C  CH3 . ACY I 2 . ? -7.242  -4.905  9.755   1.00 12.17 ? 11   ACY D CH3 1 
HETATM 341 S  S   . DMS J 3 . ? -7.034  -9.873  12.274  1.00 10.58 ? 12   DMS D S   1 
HETATM 342 O  O   . DMS J 3 . ? -6.089  -10.591 11.404  1.00 9.51  ? 12   DMS D O   1 
HETATM 343 C  C1  . DMS J 3 . ? -6.213  -9.582  13.785  1.00 9.80  ? 12   DMS D C1  1 
HETATM 344 C  C2  . DMS J 3 . ? -6.977  -8.192  11.667  1.00 12.86 ? 12   DMS D C2  1 
HETATM 345 O  O   . HOH K 4 . ? -3.182  7.903   6.429   1.00 12.00 ? 2001 HOH A O   1 
HETATM 346 O  O   . HOH K 4 . ? 0.384   -0.651  0.081   1.00 16.89 ? 2002 HOH A O   1 
HETATM 347 O  O   . HOH K 4 . ? 4.304   -2.358  -4.786  1.00 24.83 ? 2003 HOH A O   1 
HETATM 348 O  O   . HOH K 4 . ? 0.391   -1.050  -2.488  1.00 20.87 ? 2004 HOH A O   1 
HETATM 349 O  O   . HOH K 4 . ? -5.276  2.205   2.677   1.00 20.08 ? 2005 HOH A O   1 
HETATM 350 O  O   . HOH K 4 . ? 3.036   -0.112  -4.108  1.00 27.40 ? 2006 HOH A O   1 
HETATM 351 O  O   . HOH K 4 . ? -5.907  2.655   -2.477  1.00 14.80 ? 2007 HOH A O   1 
HETATM 352 O  O   . HOH K 4 . ? -2.185  -0.412  1.158   1.00 16.89 ? 2008 HOH A O   1 
HETATM 353 O  O   . HOH K 4 . ? -3.158  4.099   -5.158  1.00 10.31 ? 2009 HOH A O   1 
HETATM 354 O  O   . HOH K 4 . ? 11.608  14.266  -1.628  1.00 27.72 ? 2010 HOH A O   1 
HETATM 355 O  O   . HOH K 4 . ? -6.666  9.036   1.324   1.00 21.26 ? 2011 HOH A O   1 
HETATM 356 O  O   . HOH K 4 . ? 4.349   0.987   -1.574  1.00 25.36 ? 2012 HOH A O   1 
HETATM 357 O  O   . HOH K 4 . ? 8.566   13.657  -4.841  1.00 24.14 ? 2013 HOH A O   1 
HETATM 358 O  O   . HOH K 4 . ? 9.087   14.077  -1.590  1.00 17.30 ? 2014 HOH A O   1 
HETATM 359 O  O   . HOH K 4 . ? 5.514   12.168  0.924   1.00 11.34 ? 2015 HOH A O   1 
HETATM 360 O  O   . HOH K 4 . ? 2.254   16.715  5.132   1.00 16.62 ? 2016 HOH A O   1 
HETATM 361 O  O   . HOH K 4 . ? -1.241  16.028  1.664   1.00 14.73 ? 2017 HOH A O   1 
HETATM 362 O  O   . HOH K 4 . ? 8.627   17.220  0.965   1.00 24.57 ? 2018 HOH A O   1 
HETATM 363 O  O   . HOH L 4 . ? 12.857  7.690   -14.918 1.00 16.01 ? 2001 HOH B O   1 
HETATM 364 O  O   . HOH L 4 . ? 15.549  13.296  -6.586  1.00 16.42 ? 2002 HOH B O   1 
HETATM 365 O  O   . HOH L 4 . ? 18.277  13.004  -9.884  1.00 18.99 ? 2003 HOH B O   1 
HETATM 366 O  O   . HOH L 4 . ? 15.979  9.062   -7.082  1.00 11.58 ? 2004 HOH B O   1 
HETATM 367 O  O   . HOH L 4 . ? 15.706  12.583  -9.301  1.00 12.37 ? 2005 HOH B O   1 
HETATM 368 O  O   . HOH L 4 . ? 1.231   1.134   -8.146  1.00 25.81 ? 2006 HOH B O   1 
HETATM 369 O  O   . HOH L 4 . ? 9.639   15.419  -6.888  1.00 39.26 ? 2007 HOH B O   1 
HETATM 370 O  O   . HOH L 4 . ? 12.370  15.350  -8.833  1.00 21.72 ? 2008 HOH B O   1 
HETATM 371 O  O   . HOH L 4 . ? 1.205   3.134   -11.328 1.00 26.70 ? 2009 HOH B O   1 
HETATM 372 O  O   . HOH L 4 . ? 5.777   11.247  -14.841 1.00 26.68 ? 2010 HOH B O   1 
HETATM 373 O  O   . HOH L 4 . ? -2.439  5.995   -6.461  1.00 6.26  ? 2011 HOH B O   1 
HETATM 374 O  O   . HOH L 4 . ? -1.155  2.165   -7.432  1.00 12.83 ? 2012 HOH B O   1 
HETATM 375 O  O   . HOH L 4 . ? 1.627   6.250   -11.739 1.00 13.86 ? 2013 HOH B O   1 
HETATM 376 O  O   . HOH L 4 . ? -3.539  5.099   -8.370  1.00 10.72 ? 2014 HOH B O   1 
HETATM 377 O  O   . HOH L 4 . ? 2.864   11.307  -15.664 1.00 16.45 ? 2015 HOH B O   1 
HETATM 378 O  O   . HOH M 4 . ? -4.610  -22.155 -1.731  1.00 10.07 ? 2001 HOH C O   1 
HETATM 379 O  O   . HOH M 4 . ? -7.501  -18.640 -3.034  1.00 16.41 ? 2002 HOH C O   1 
HETATM 380 O  O   . HOH M 4 . ? -6.547  -22.875 -3.631  0.50 19.48 ? 2003 HOH C O   1 
HETATM 381 O  O   . HOH M 4 . ? -5.994  -18.116 7.835   1.00 19.55 ? 2004 HOH C O   1 
HETATM 382 O  O   . HOH M 4 . ? -7.108  -16.141 6.431   1.00 11.33 ? 2005 HOH C O   1 
HETATM 383 O  O   . HOH M 4 . ? -9.672  -19.980 -2.044  1.00 23.65 ? 2006 HOH C O   1 
HETATM 384 O  O   . HOH M 4 . ? -10.776 -18.595 1.429   1.00 33.87 ? 2007 HOH C O   1 
HETATM 385 O  O   . HOH M 4 . ? -10.200 -17.895 -1.057  1.00 22.46 ? 2008 HOH C O   1 
HETATM 386 O  O   . HOH M 4 . ? 2.232   -2.482  3.446   1.00 28.95 ? 2009 HOH C O   1 
HETATM 387 O  O   . HOH M 4 . ? -3.167  -15.495 7.360   1.00 17.52 ? 2010 HOH C O   1 
HETATM 388 O  O   . HOH M 4 . ? -2.077  -3.682  -2.131  1.00 24.87 ? 2011 HOH C O   1 
HETATM 389 O  O   . HOH M 4 . ? -1.445  -2.790  -4.886  1.00 29.57 ? 2012 HOH C O   1 
HETATM 390 O  O   . HOH M 4 . ? -1.125  -13.132 0.407   1.00 12.34 ? 2013 HOH C O   1 
HETATM 391 O  O   . HOH M 4 . ? 0.715   -3.235  1.108   1.00 14.74 ? 2014 HOH C O   1 
HETATM 392 O  O   . HOH M 4 . ? -0.265  -12.775 -2.142  1.00 22.77 ? 2015 HOH C O   1 
HETATM 393 O  O   . HOH M 4 . ? 0.821   -3.907  -2.362  1.00 24.05 ? 2016 HOH C O   1 
HETATM 394 O  O   . HOH M 4 . ? 6.280   -5.504  -2.468  1.00 33.25 ? 2017 HOH C O   1 
HETATM 395 O  O   . HOH M 4 . ? 3.274   -6.574  -5.776  1.00 28.11 ? 2018 HOH C O   1 
HETATM 396 O  O   . HOH M 4 . ? 4.299   -2.500  -0.598  1.00 25.48 ? 2019 HOH C O   1 
HETATM 397 O  O   . HOH N 4 . ? -7.845  1.485   14.333  1.00 23.19 ? 2001 HOH D O   1 
HETATM 398 O  O   . HOH N 4 . ? -11.386 -4.241  4.672   1.00 19.84 ? 2002 HOH D O   1 
HETATM 399 O  O   . HOH N 4 . ? -3.459  2.007   4.876   1.00 24.63 ? 2003 HOH D O   1 
HETATM 400 O  O   . HOH N 4 . ? -2.325  -1.756  3.760   1.00 17.87 ? 2004 HOH D O   1 
HETATM 401 O  O   . HOH N 4 . ? 0.100   0.321   7.117   1.00 17.32 ? 2005 HOH D O   1 
HETATM 402 O  O   . HOH N 4 . ? -3.607  -5.831  10.893  1.00 14.96 ? 2006 HOH D O   1 
HETATM 403 O  O   . HOH N 4 . ? -11.459 -8.181  6.082   1.00 17.92 ? 2007 HOH D O   1 
HETATM 404 O  O   . HOH N 4 . ? -13.037 -6.014  5.835   1.00 18.71 ? 2008 HOH D O   1 
HETATM 405 O  O   . HOH N 4 . ? -3.955  -17.093 9.156   1.00 16.85 ? 2009 HOH D O   1 
HETATM 406 O  O   . HOH N 4 . ? -5.815  -15.518 10.537  1.00 9.19  ? 2010 HOH D O   1 
HETATM 407 O  O   . HOH N 4 . ? 0.072   -12.866 13.832  1.00 11.81 ? 2011 HOH D O   1 
HETATM 408 O  O   . HOH N 4 . ? -4.249  -6.486  13.370  1.00 17.15 ? 2012 HOH D O   1 
HETATM 409 O  O   . HOH N 4 . ? -4.137  -17.635 13.414  1.00 15.90 ? 2013 HOH D O   1 
HETATM 410 O  O   . HOH N 4 . ? -2.137  -15.778 15.908  1.00 18.36 ? 2014 HOH D O   1 
HETATM 411 O  O   . HOH N 4 . ? -0.097  -15.630 11.564  1.00 23.04 ? 2015 HOH D O   1 
# 
